data_2EMT
#
_entry.id   2EMT
#
_cell.length_a   80.740
_cell.length_b   85.730
_cell.length_c   117.751
_cell.angle_alpha   90.00
_cell.angle_beta   90.00
_cell.angle_gamma   90.00
#
_symmetry.space_group_name_H-M   'P 21 21 21'
#
loop_
_entity.id
_entity.type
_entity.pdbx_description
1 polymer Radixin
2 polymer 'P-selectin glycoprotein ligand 1'
#
loop_
_entity_poly.entity_id
_entity_poly.type
_entity_poly.pdbx_seq_one_letter_code
_entity_poly.pdbx_strand_id
1 'polypeptide(L)'
;GSMPKPINVRVTTMDAELEFAIQPNTTGKQLFDQVVKTVGLREVWFFGLQYVDSKGYSTWLKLNKKVTQQDVKKENPLQF
KFRAKFFPEDVSEELIQEITQRLFFLQVKEAILNDEIYCPPETAVLLASYAVQAKYGDYNKEIHKPGYLANDRLLPQRVL
EQHKLTKEQWEERIQNWHEEHRGMLREDSMMEYLKIAQDLEMYGVNYFEIKNKKGTELWLGVDALGLNIYEHDDKLTPKI
GFPWSEIRNISFNDKKFVIKPIDKKAPDFVFYAPRLRINKRILALCMGNHELYMRRRKPDTIEVQQMKAQARVDSSGRIV
TD
;
A,B
2 'polypeptide(L)' RLSRKTHMYPVRNYSPTE C,D,E
#
# COMPACT_ATOMS: atom_id res chain seq x y z
N MET A 3 15.72 8.02 -45.77
CA MET A 3 14.38 7.78 -45.17
C MET A 3 13.67 6.59 -45.79
N PRO A 4 13.60 5.47 -45.05
CA PRO A 4 12.95 4.24 -45.53
C PRO A 4 11.44 4.35 -45.71
N LYS A 5 10.86 3.24 -46.16
CA LYS A 5 9.42 3.15 -46.40
C LYS A 5 8.69 3.03 -45.06
N PRO A 6 7.71 3.91 -44.82
CA PRO A 6 6.96 3.88 -43.57
C PRO A 6 6.07 2.64 -43.45
N ILE A 7 5.97 2.10 -42.23
CA ILE A 7 5.14 0.94 -41.95
C ILE A 7 3.91 1.37 -41.14
N ASN A 8 2.73 1.31 -41.75
CA ASN A 8 1.48 1.72 -41.11
C ASN A 8 0.98 0.71 -40.11
N VAL A 9 0.44 1.19 -39.00
CA VAL A 9 -0.10 0.31 -37.97
C VAL A 9 -1.44 0.83 -37.48
N ARG A 10 -2.35 -0.08 -37.17
CA ARG A 10 -3.66 0.30 -36.68
C ARG A 10 -3.81 -0.21 -35.26
N VAL A 11 -3.75 0.71 -34.29
CA VAL A 11 -3.89 0.36 -32.88
C VAL A 11 -5.31 0.75 -32.52
N THR A 12 -5.97 -0.06 -31.70
CA THR A 12 -7.34 0.27 -31.29
C THR A 12 -7.58 -0.06 -29.83
N THR A 13 -8.23 0.89 -29.14
CA THR A 13 -8.57 0.76 -27.73
C THR A 13 -10.01 0.31 -27.74
N MET A 14 -10.62 0.22 -26.55
CA MET A 14 -12.01 -0.22 -26.48
C MET A 14 -13.00 0.81 -27.05
N ASP A 15 -12.53 2.01 -27.40
CA ASP A 15 -13.43 3.02 -27.92
C ASP A 15 -12.78 4.01 -28.88
N ALA A 16 -11.56 3.71 -29.30
CA ALA A 16 -10.87 4.57 -30.23
C ALA A 16 -10.09 3.75 -31.26
N GLU A 17 -9.81 4.36 -32.40
CA GLU A 17 -9.07 3.69 -33.44
C GLU A 17 -7.95 4.62 -33.85
N LEU A 18 -6.72 4.16 -33.74
CA LEU A 18 -5.57 4.98 -34.11
C LEU A 18 -4.83 4.36 -35.29
N GLU A 19 -4.37 5.22 -36.19
CA GLU A 19 -3.63 4.80 -37.36
C GLU A 19 -2.44 5.74 -37.54
N PHE A 20 -1.23 5.19 -37.56
CA PHE A 20 -0.04 6.01 -37.80
C PHE A 20 1.11 5.17 -38.30
N ALA A 21 2.00 5.80 -39.05
CA ALA A 21 3.14 5.08 -39.57
C ALA A 21 4.31 5.12 -38.61
N ILE A 22 5.10 4.06 -38.65
CA ILE A 22 6.28 3.98 -37.80
C ILE A 22 7.49 3.66 -38.68
N GLN A 23 8.67 3.96 -38.17
CA GLN A 23 9.88 3.66 -38.90
C GLN A 23 10.33 2.24 -38.56
N PRO A 24 10.88 1.53 -39.57
CA PRO A 24 11.37 0.15 -39.51
C PRO A 24 12.07 -0.31 -38.25
N ASN A 25 12.65 0.62 -37.50
CA ASN A 25 13.38 0.23 -36.31
C ASN A 25 12.72 0.70 -35.03
N THR A 26 11.41 0.90 -35.09
CA THR A 26 10.65 1.35 -33.93
C THR A 26 10.47 0.19 -32.97
N THR A 27 10.77 0.40 -31.69
CA THR A 27 10.59 -0.67 -30.72
C THR A 27 9.13 -0.68 -30.30
N GLY A 28 8.71 -1.75 -29.63
CA GLY A 28 7.34 -1.81 -29.16
C GLY A 28 7.13 -0.70 -28.13
N LYS A 29 8.17 -0.45 -27.35
CA LYS A 29 8.17 0.58 -26.32
C LYS A 29 7.75 1.92 -26.91
N GLN A 30 8.41 2.35 -27.98
CA GLN A 30 8.09 3.62 -28.60
C GLN A 30 6.69 3.66 -29.15
N LEU A 31 6.25 2.55 -29.74
CA LEU A 31 4.91 2.49 -30.30
C LEU A 31 3.90 2.64 -29.18
N PHE A 32 4.13 1.90 -28.11
CA PHE A 32 3.27 1.94 -26.93
C PHE A 32 3.09 3.39 -26.45
N ASP A 33 4.20 4.10 -26.27
CA ASP A 33 4.18 5.49 -25.79
C ASP A 33 3.35 6.47 -26.65
N GLN A 34 3.59 6.46 -27.96
CA GLN A 34 2.86 7.33 -28.88
C GLN A 34 1.36 7.13 -28.63
N VAL A 35 0.93 5.86 -28.59
CA VAL A 35 -0.46 5.50 -28.34
C VAL A 35 -0.91 6.10 -27.00
N VAL A 36 -0.20 5.73 -25.94
CA VAL A 36 -0.50 6.19 -24.61
C VAL A 36 -0.60 7.71 -24.50
N LYS A 37 0.30 8.42 -25.19
CA LYS A 37 0.30 9.87 -25.17
C LYS A 37 -0.84 10.42 -25.99
N THR A 38 -1.25 9.67 -27.01
CA THR A 38 -2.34 10.12 -27.85
C THR A 38 -3.66 10.07 -27.11
N VAL A 39 -3.82 9.03 -26.29
CA VAL A 39 -5.06 8.85 -25.53
C VAL A 39 -5.00 9.52 -24.17
N GLY A 40 -3.80 9.95 -23.77
CA GLY A 40 -3.62 10.62 -22.49
C GLY A 40 -3.67 9.71 -21.29
N LEU A 41 -3.20 8.47 -21.48
CA LEU A 41 -3.19 7.47 -20.42
C LEU A 41 -1.87 7.58 -19.66
N ARG A 42 -1.89 7.33 -18.36
CA ARG A 42 -0.66 7.38 -17.57
C ARG A 42 -0.47 6.11 -16.78
N GLU A 43 -1.57 5.49 -16.37
CA GLU A 43 -1.50 4.26 -15.60
C GLU A 43 -1.20 3.15 -16.59
N VAL A 44 -0.12 3.32 -17.34
CA VAL A 44 0.30 2.37 -18.37
C VAL A 44 0.64 0.98 -17.89
N TRP A 45 1.03 0.83 -16.63
CA TRP A 45 1.42 -0.48 -16.12
C TRP A 45 0.45 -1.65 -16.30
N PHE A 46 -0.82 -1.37 -16.55
CA PHE A 46 -1.80 -2.44 -16.73
C PHE A 46 -1.89 -2.94 -18.16
N PHE A 47 -1.65 -2.05 -19.10
CA PHE A 47 -1.82 -2.37 -20.49
C PHE A 47 -0.73 -3.04 -21.29
N GLY A 48 -1.03 -3.21 -22.58
CA GLY A 48 -0.09 -3.84 -23.50
C GLY A 48 -0.72 -3.86 -24.87
N LEU A 49 0.10 -4.01 -25.90
CA LEU A 49 -0.40 -4.07 -27.27
C LEU A 49 -0.55 -5.55 -27.67
N GLN A 50 -1.77 -5.92 -28.06
CA GLN A 50 -2.09 -7.29 -28.44
C GLN A 50 -2.06 -7.45 -29.96
N TYR A 51 -1.53 -8.57 -30.43
CA TYR A 51 -1.44 -8.83 -31.87
C TYR A 51 -1.45 -10.32 -32.20
N VAL A 52 -1.68 -10.66 -33.47
CA VAL A 52 -1.67 -12.06 -33.92
C VAL A 52 -0.42 -12.31 -34.77
N ASP A 53 0.26 -13.43 -34.54
CA ASP A 53 1.44 -13.72 -35.35
C ASP A 53 1.01 -14.60 -36.50
N SER A 54 1.92 -14.84 -37.45
CA SER A 54 1.64 -15.65 -38.63
C SER A 54 0.85 -16.92 -38.37
N LYS A 55 1.21 -17.64 -37.31
CA LYS A 55 0.56 -18.88 -36.93
C LYS A 55 -0.84 -18.63 -36.37
N GLY A 56 -1.17 -17.34 -36.20
CA GLY A 56 -2.47 -16.95 -35.67
C GLY A 56 -2.57 -16.92 -34.15
N TYR A 57 -1.45 -17.13 -33.47
CA TYR A 57 -1.42 -17.15 -32.01
C TYR A 57 -1.49 -15.70 -31.53
N SER A 58 -2.44 -15.42 -30.64
CA SER A 58 -2.61 -14.08 -30.11
C SER A 58 -1.45 -13.80 -29.15
N THR A 59 -0.63 -12.79 -29.45
CA THR A 59 0.52 -12.46 -28.63
C THR A 59 0.55 -11.02 -28.11
N TRP A 60 1.36 -10.80 -27.07
CA TRP A 60 1.53 -9.47 -26.48
C TRP A 60 2.80 -8.87 -27.06
N LEU A 61 2.69 -7.68 -27.65
CA LEU A 61 3.85 -7.02 -28.25
C LEU A 61 4.92 -6.77 -27.19
N LYS A 62 6.17 -7.06 -27.55
CA LYS A 62 7.28 -6.85 -26.63
C LYS A 62 7.91 -5.47 -26.87
N LEU A 63 7.86 -4.62 -25.85
CA LEU A 63 8.40 -3.26 -25.90
C LEU A 63 9.90 -3.16 -26.18
N ASN A 64 10.69 -4.04 -25.56
CA ASN A 64 12.14 -4.01 -25.74
C ASN A 64 12.61 -4.51 -27.10
N LYS A 65 11.70 -5.06 -27.91
CA LYS A 65 12.09 -5.55 -29.23
C LYS A 65 11.48 -4.72 -30.35
N LYS A 66 12.12 -4.74 -31.52
CA LYS A 66 11.61 -3.97 -32.65
C LYS A 66 10.25 -4.54 -33.05
N VAL A 67 9.32 -3.66 -33.40
CA VAL A 67 7.99 -4.08 -33.82
C VAL A 67 8.12 -4.96 -35.06
N THR A 68 9.02 -4.54 -35.95
CA THR A 68 9.27 -5.24 -37.20
C THR A 68 9.69 -6.69 -37.02
N GLN A 69 10.51 -6.95 -36.00
CA GLN A 69 11.00 -8.29 -35.82
C GLN A 69 10.49 -9.06 -34.60
N GLN A 70 9.19 -9.32 -34.70
CA GLN A 70 8.36 -10.08 -33.80
C GLN A 70 7.41 -10.51 -34.89
N ASP A 71 7.11 -11.81 -34.97
CA ASP A 71 6.28 -12.36 -36.02
C ASP A 71 4.94 -11.68 -36.26
N VAL A 72 4.85 -10.40 -36.00
CA VAL A 72 3.61 -9.69 -36.19
C VAL A 72 3.03 -10.01 -37.56
N LYS A 73 1.87 -10.66 -37.56
CA LYS A 73 1.21 -11.03 -38.79
C LYS A 73 1.33 -9.88 -39.78
N LYS A 74 1.65 -10.20 -41.02
CA LYS A 74 1.85 -9.19 -42.03
C LYS A 74 0.68 -8.87 -42.94
N GLU A 75 0.25 -7.61 -42.85
CA GLU A 75 -0.84 -7.03 -43.62
C GLU A 75 -0.67 -5.51 -43.47
N ASN A 76 -1.44 -4.74 -44.21
CA ASN A 76 -1.34 -3.30 -44.12
C ASN A 76 -2.68 -2.66 -43.98
N PRO A 77 -2.91 -1.99 -42.85
CA PRO A 77 -2.05 -1.77 -41.70
C PRO A 77 -2.01 -2.96 -40.77
N LEU A 78 -0.97 -2.96 -39.94
CA LEU A 78 -0.71 -3.98 -38.92
C LEU A 78 -1.63 -3.75 -37.72
N GLN A 79 -2.49 -4.73 -37.45
CA GLN A 79 -3.47 -4.67 -36.39
C GLN A 79 -3.00 -5.00 -34.97
N PHE A 80 -3.30 -4.10 -34.03
CA PHE A 80 -2.97 -4.27 -32.62
C PHE A 80 -4.17 -3.88 -31.78
N LYS A 81 -4.33 -4.52 -30.62
CA LYS A 81 -5.42 -4.18 -29.73
C LYS A 81 -4.79 -3.69 -28.44
N PHE A 82 -5.09 -2.45 -28.06
CA PHE A 82 -4.55 -1.90 -26.82
C PHE A 82 -5.48 -2.42 -25.78
N ARG A 83 -5.00 -3.28 -24.89
CA ARG A 83 -5.85 -3.86 -23.86
C ARG A 83 -5.11 -4.03 -22.52
N ALA A 84 -5.88 -4.19 -21.45
CA ALA A 84 -5.28 -4.37 -20.13
C ALA A 84 -4.81 -5.79 -19.96
N LYS A 85 -3.54 -5.94 -19.66
CA LYS A 85 -2.96 -7.26 -19.48
C LYS A 85 -3.12 -7.68 -18.02
N PHE A 86 -3.07 -6.71 -17.11
CA PHE A 86 -3.20 -7.00 -15.68
C PHE A 86 -4.33 -6.23 -15.04
N PHE A 87 -4.96 -6.82 -14.04
CA PHE A 87 -6.06 -6.16 -13.36
C PHE A 87 -5.65 -5.72 -11.96
N PRO A 88 -6.23 -4.63 -11.47
CA PRO A 88 -5.93 -4.11 -10.14
C PRO A 88 -6.54 -4.94 -9.03
N GLU A 89 -5.90 -4.95 -7.86
CA GLU A 89 -6.44 -5.70 -6.74
C GLU A 89 -7.76 -5.07 -6.30
N ASP A 90 -7.85 -3.75 -6.40
CA ASP A 90 -9.06 -3.03 -6.04
C ASP A 90 -9.24 -1.88 -7.04
N VAL A 91 -10.36 -1.91 -7.74
CA VAL A 91 -10.71 -0.92 -8.74
C VAL A 91 -10.73 0.53 -8.23
N SER A 92 -11.42 0.76 -7.11
CA SER A 92 -11.54 2.10 -6.57
C SER A 92 -10.26 2.61 -5.97
N GLU A 93 -9.24 1.76 -5.89
CA GLU A 93 -7.99 2.22 -5.32
C GLU A 93 -6.76 2.17 -6.23
N GLU A 94 -6.94 1.79 -7.49
CA GLU A 94 -5.80 1.74 -8.41
C GLU A 94 -6.06 2.42 -9.76
N LEU A 95 -7.33 2.68 -10.05
CA LEU A 95 -7.71 3.33 -11.30
C LEU A 95 -8.15 4.75 -10.98
N ILE A 96 -7.23 5.69 -11.18
CA ILE A 96 -7.46 7.10 -10.89
C ILE A 96 -8.00 7.93 -12.06
N GLN A 97 -7.28 7.95 -13.17
CA GLN A 97 -7.73 8.70 -14.35
C GLN A 97 -9.02 8.12 -14.89
N GLU A 98 -9.98 8.99 -15.21
CA GLU A 98 -11.26 8.53 -15.71
C GLU A 98 -11.14 7.72 -17.00
N ILE A 99 -10.02 7.85 -17.69
CA ILE A 99 -9.81 7.12 -18.95
C ILE A 99 -9.43 5.68 -18.65
N THR A 100 -8.50 5.49 -17.72
CA THR A 100 -8.09 4.16 -17.34
C THR A 100 -9.33 3.46 -16.75
N GLN A 101 -10.35 4.26 -16.43
CA GLN A 101 -11.56 3.71 -15.88
C GLN A 101 -12.50 3.27 -16.97
N ARG A 102 -12.76 4.13 -17.96
CA ARG A 102 -13.69 3.68 -18.96
C ARG A 102 -13.13 2.58 -19.82
N LEU A 103 -11.79 2.51 -19.91
CA LEU A 103 -11.15 1.46 -20.70
C LEU A 103 -11.30 0.10 -20.01
N PHE A 104 -11.23 0.10 -18.69
CA PHE A 104 -11.38 -1.13 -17.94
C PHE A 104 -12.87 -1.49 -17.94
N PHE A 105 -13.70 -0.47 -17.76
CA PHE A 105 -15.12 -0.64 -17.73
C PHE A 105 -15.56 -1.37 -18.99
N LEU A 106 -15.06 -0.87 -20.12
CA LEU A 106 -15.38 -1.43 -21.41
C LEU A 106 -14.84 -2.84 -21.57
N GLN A 107 -13.55 -3.02 -21.24
CA GLN A 107 -12.95 -4.32 -21.41
C GLN A 107 -13.58 -5.41 -20.54
N VAL A 108 -13.99 -5.04 -19.32
CA VAL A 108 -14.59 -6.02 -18.44
C VAL A 108 -16.02 -6.34 -18.86
N LYS A 109 -16.75 -5.33 -19.32
CA LYS A 109 -18.12 -5.55 -19.77
C LYS A 109 -18.17 -6.43 -21.01
N GLU A 110 -17.12 -6.36 -21.82
CA GLU A 110 -17.06 -7.18 -23.02
C GLU A 110 -16.89 -8.62 -22.57
N ALA A 111 -16.07 -8.80 -21.56
CA ALA A 111 -15.81 -10.13 -21.04
C ALA A 111 -17.05 -10.71 -20.34
N ILE A 112 -17.80 -9.87 -19.61
CA ILE A 112 -19.01 -10.35 -18.95
C ILE A 112 -19.98 -10.76 -20.03
N LEU A 113 -20.19 -9.84 -20.96
CA LEU A 113 -21.08 -10.06 -22.09
C LEU A 113 -20.71 -11.32 -22.88
N ASN A 114 -19.43 -11.51 -23.18
CA ASN A 114 -18.94 -12.67 -23.93
C ASN A 114 -18.84 -14.00 -23.17
N ASP A 115 -19.46 -14.06 -22.00
CA ASP A 115 -19.44 -15.27 -21.21
C ASP A 115 -18.07 -15.69 -20.72
N GLU A 116 -17.09 -14.79 -20.81
CA GLU A 116 -15.73 -15.11 -20.37
C GLU A 116 -15.62 -15.07 -18.85
N ILE A 117 -16.40 -14.23 -18.19
CA ILE A 117 -16.40 -14.13 -16.73
C ILE A 117 -17.77 -14.56 -16.26
N TYR A 118 -17.91 -15.79 -15.76
CA TYR A 118 -19.20 -16.26 -15.30
C TYR A 118 -19.96 -15.19 -14.54
N CYS A 119 -21.27 -15.15 -14.73
CA CYS A 119 -22.10 -14.15 -14.08
C CYS A 119 -23.51 -14.64 -13.78
N PRO A 120 -23.96 -14.55 -12.52
CA PRO A 120 -25.32 -15.01 -12.18
C PRO A 120 -26.33 -14.06 -12.81
N PRO A 121 -27.58 -14.51 -13.02
CA PRO A 121 -28.59 -13.64 -13.63
C PRO A 121 -28.89 -12.36 -12.86
N GLU A 122 -28.95 -12.44 -11.53
CA GLU A 122 -29.21 -11.24 -10.76
C GLU A 122 -28.11 -10.25 -11.04
N THR A 123 -26.87 -10.65 -10.79
CA THR A 123 -25.73 -9.78 -11.00
C THR A 123 -25.65 -9.21 -12.42
N ALA A 124 -25.98 -10.02 -13.42
CA ALA A 124 -25.94 -9.54 -14.79
C ALA A 124 -26.91 -8.36 -14.93
N VAL A 125 -28.18 -8.58 -14.58
CA VAL A 125 -29.20 -7.54 -14.65
C VAL A 125 -28.69 -6.26 -13.97
N LEU A 126 -28.22 -6.43 -12.74
CA LEU A 126 -27.68 -5.35 -11.95
C LEU A 126 -26.59 -4.63 -12.76
N LEU A 127 -25.59 -5.38 -13.21
CA LEU A 127 -24.51 -4.80 -14.03
C LEU A 127 -25.03 -4.08 -15.27
N ALA A 128 -26.08 -4.61 -15.87
CA ALA A 128 -26.63 -3.98 -17.05
C ALA A 128 -27.16 -2.62 -16.69
N SER A 129 -27.84 -2.54 -15.54
CA SER A 129 -28.43 -1.28 -15.10
C SER A 129 -27.34 -0.22 -15.04
N TYR A 130 -26.17 -0.58 -14.52
CA TYR A 130 -25.09 0.39 -14.45
C TYR A 130 -24.52 0.69 -15.82
N ALA A 131 -24.61 -0.27 -16.73
CA ALA A 131 -24.13 -0.01 -18.06
C ALA A 131 -25.06 1.03 -18.70
N VAL A 132 -26.37 0.79 -18.74
CA VAL A 132 -27.27 1.75 -19.39
C VAL A 132 -27.21 3.18 -18.79
N GLN A 133 -27.17 3.30 -17.48
CA GLN A 133 -27.08 4.59 -16.80
C GLN A 133 -25.86 5.36 -17.30
N ALA A 134 -24.82 4.62 -17.67
CA ALA A 134 -23.59 5.21 -18.15
C ALA A 134 -23.71 5.59 -19.61
N LYS A 135 -24.54 4.85 -20.32
CA LYS A 135 -24.72 5.10 -21.73
C LYS A 135 -25.83 6.11 -22.04
N TYR A 136 -26.95 6.03 -21.30
CA TYR A 136 -28.09 6.90 -21.52
C TYR A 136 -28.31 8.02 -20.52
N GLY A 137 -27.60 7.96 -19.41
CA GLY A 137 -27.77 8.98 -18.40
C GLY A 137 -28.99 8.69 -17.56
N ASP A 138 -29.55 9.70 -16.93
CA ASP A 138 -30.73 9.52 -16.10
C ASP A 138 -31.96 9.08 -16.90
N TYR A 139 -32.64 8.05 -16.42
CA TYR A 139 -33.85 7.59 -17.10
C TYR A 139 -34.90 8.70 -17.11
N ASN A 140 -35.54 8.89 -18.26
CA ASN A 140 -36.57 9.92 -18.43
C ASN A 140 -37.70 9.33 -19.28
N LYS A 141 -38.88 9.20 -18.67
CA LYS A 141 -40.04 8.64 -19.36
C LYS A 141 -40.32 9.31 -20.72
N GLU A 142 -39.77 10.50 -20.93
CA GLU A 142 -39.97 11.23 -22.19
C GLU A 142 -38.94 10.82 -23.23
N ILE A 143 -37.71 10.61 -22.78
CA ILE A 143 -36.61 10.26 -23.67
C ILE A 143 -36.54 8.76 -23.98
N HIS A 144 -36.74 7.95 -22.94
CA HIS A 144 -36.66 6.50 -23.08
C HIS A 144 -38.01 5.86 -22.98
N LYS A 145 -38.72 5.80 -24.10
CA LYS A 145 -40.04 5.18 -24.11
C LYS A 145 -39.87 3.68 -24.28
N PRO A 146 -40.94 2.89 -24.07
CA PRO A 146 -40.84 1.45 -24.22
C PRO A 146 -39.97 1.00 -25.39
N GLY A 147 -39.00 0.15 -25.09
CA GLY A 147 -38.11 -0.38 -26.11
C GLY A 147 -36.76 0.30 -26.24
N TYR A 148 -36.50 1.35 -25.47
CA TYR A 148 -35.22 2.04 -25.60
C TYR A 148 -34.02 1.11 -25.46
N LEU A 149 -34.23 -0.08 -24.91
CA LEU A 149 -33.14 -1.01 -24.74
C LEU A 149 -33.30 -2.23 -25.63
N ALA A 150 -33.58 -2.02 -26.91
CA ALA A 150 -33.75 -3.13 -27.84
C ALA A 150 -32.51 -3.36 -28.70
N ASN A 151 -31.87 -2.27 -29.10
CA ASN A 151 -30.68 -2.36 -29.95
C ASN A 151 -29.43 -2.67 -29.15
N ASP A 152 -29.55 -2.59 -27.83
CA ASP A 152 -28.40 -2.84 -26.99
C ASP A 152 -28.18 -4.26 -26.56
N ARG A 153 -26.91 -4.60 -26.45
CA ARG A 153 -26.49 -5.92 -26.00
C ARG A 153 -26.28 -5.68 -24.51
N LEU A 154 -27.12 -6.25 -23.67
CA LEU A 154 -27.01 -6.02 -22.24
C LEU A 154 -26.74 -7.22 -21.36
N LEU A 155 -27.20 -8.39 -21.79
CA LEU A 155 -27.04 -9.61 -21.01
C LEU A 155 -26.04 -10.60 -21.59
N PRO A 156 -25.43 -11.43 -20.72
CA PRO A 156 -24.46 -12.44 -21.15
C PRO A 156 -25.27 -13.61 -21.68
N GLN A 157 -25.04 -13.98 -22.93
CA GLN A 157 -25.78 -15.06 -23.57
C GLN A 157 -26.16 -16.21 -22.63
N ARG A 158 -25.22 -16.64 -21.81
CA ARG A 158 -25.45 -17.74 -20.89
C ARG A 158 -26.65 -17.50 -19.98
N VAL A 159 -27.13 -16.27 -19.89
CA VAL A 159 -28.32 -16.01 -19.06
C VAL A 159 -29.54 -15.96 -19.98
N LEU A 160 -29.35 -15.44 -21.18
CA LEU A 160 -30.45 -15.37 -22.13
C LEU A 160 -30.87 -16.80 -22.48
N GLU A 161 -29.87 -17.69 -22.53
CA GLU A 161 -30.15 -19.09 -22.81
C GLU A 161 -30.83 -19.70 -21.60
N GLN A 162 -30.27 -19.45 -20.42
CA GLN A 162 -30.79 -19.98 -19.16
C GLN A 162 -32.13 -19.43 -18.70
N HIS A 163 -32.62 -18.37 -19.32
CA HIS A 163 -33.91 -17.77 -18.96
C HIS A 163 -34.45 -17.20 -20.24
N LYS A 164 -35.50 -17.80 -20.79
CA LYS A 164 -36.02 -17.27 -22.04
C LYS A 164 -37.08 -16.16 -21.93
N LEU A 165 -36.70 -15.07 -21.29
CA LEU A 165 -37.59 -13.94 -21.16
C LEU A 165 -37.44 -13.19 -22.46
N THR A 166 -38.46 -12.41 -22.80
CA THR A 166 -38.43 -11.65 -24.04
C THR A 166 -37.56 -10.44 -23.85
N LYS A 167 -37.33 -9.72 -24.94
CA LYS A 167 -36.51 -8.51 -24.90
C LYS A 167 -37.20 -7.55 -23.94
N GLU A 168 -38.51 -7.34 -24.15
CA GLU A 168 -39.29 -6.44 -23.32
C GLU A 168 -39.25 -6.88 -21.86
N GLN A 169 -39.43 -8.17 -21.62
CA GLN A 169 -39.39 -8.71 -20.26
C GLN A 169 -38.09 -8.33 -19.58
N TRP A 170 -36.99 -8.49 -20.31
CA TRP A 170 -35.69 -8.13 -19.79
C TRP A 170 -35.59 -6.62 -19.60
N GLU A 171 -36.10 -5.85 -20.57
CA GLU A 171 -36.03 -4.38 -20.49
C GLU A 171 -36.67 -3.87 -19.22
N GLU A 172 -37.76 -4.54 -18.86
CA GLU A 172 -38.50 -4.18 -17.67
C GLU A 172 -37.62 -4.39 -16.46
N ARG A 173 -36.96 -5.55 -16.33
CA ARG A 173 -36.14 -5.72 -15.13
C ARG A 173 -34.96 -4.75 -15.07
N ILE A 174 -34.26 -4.58 -16.19
CA ILE A 174 -33.10 -3.68 -16.26
C ILE A 174 -33.54 -2.24 -15.99
N GLN A 175 -34.59 -1.83 -16.69
CA GLN A 175 -35.09 -0.47 -16.57
C GLN A 175 -35.44 -0.09 -15.15
N ASN A 176 -36.11 -1.01 -14.47
CA ASN A 176 -36.50 -0.75 -13.10
C ASN A 176 -35.26 -0.27 -12.35
N TRP A 177 -34.14 -0.98 -12.57
CA TRP A 177 -32.87 -0.64 -11.92
C TRP A 177 -32.25 0.63 -12.48
N HIS A 178 -32.45 0.88 -13.78
CA HIS A 178 -31.93 2.07 -14.42
C HIS A 178 -32.51 3.30 -13.69
N GLU A 179 -33.79 3.20 -13.32
CA GLU A 179 -34.49 4.28 -12.62
C GLU A 179 -33.99 4.48 -11.21
N GLU A 180 -33.40 3.43 -10.64
CA GLU A 180 -32.87 3.49 -9.28
C GLU A 180 -31.63 4.37 -9.24
N HIS A 181 -30.94 4.46 -10.38
CA HIS A 181 -29.73 5.26 -10.46
C HIS A 181 -30.01 6.68 -10.95
N ARG A 182 -31.24 7.15 -10.74
CA ARG A 182 -31.58 8.50 -11.14
C ARG A 182 -30.61 9.47 -10.46
N GLY A 183 -29.93 10.29 -11.26
CA GLY A 183 -29.01 11.25 -10.70
C GLY A 183 -27.56 10.84 -10.63
N MET A 184 -27.24 9.58 -10.91
CA MET A 184 -25.85 9.15 -10.85
C MET A 184 -25.02 9.66 -12.01
N LEU A 185 -23.74 9.88 -11.78
CA LEU A 185 -22.86 10.40 -12.83
C LEU A 185 -22.20 9.28 -13.63
N ARG A 186 -22.00 9.56 -14.92
CA ARG A 186 -21.40 8.62 -15.86
C ARG A 186 -20.20 7.89 -15.27
N GLU A 187 -19.18 8.64 -14.87
CA GLU A 187 -17.98 8.04 -14.30
C GLU A 187 -18.28 7.23 -13.05
N ASP A 188 -19.32 7.61 -12.31
CA ASP A 188 -19.68 6.90 -11.09
C ASP A 188 -20.41 5.60 -11.40
N SER A 189 -21.10 5.57 -12.53
CA SER A 189 -21.83 4.38 -12.94
C SER A 189 -20.89 3.29 -13.45
N MET A 190 -19.78 3.70 -14.07
CA MET A 190 -18.81 2.72 -14.57
C MET A 190 -18.02 2.16 -13.41
N MET A 191 -17.64 3.01 -12.45
CA MET A 191 -16.90 2.51 -11.31
C MET A 191 -17.84 1.63 -10.50
N GLU A 192 -19.10 2.02 -10.44
CA GLU A 192 -20.12 1.28 -9.72
C GLU A 192 -20.23 -0.11 -10.32
N TYR A 193 -20.02 -0.18 -11.63
CA TYR A 193 -20.07 -1.42 -12.41
C TYR A 193 -18.87 -2.30 -12.05
N LEU A 194 -17.69 -1.70 -12.15
CA LEU A 194 -16.42 -2.37 -11.86
C LEU A 194 -16.31 -2.93 -10.44
N LYS A 195 -16.76 -2.16 -9.45
CA LYS A 195 -16.66 -2.63 -8.07
C LYS A 195 -17.43 -3.93 -7.92
N ILE A 196 -18.57 -4.00 -8.59
CA ILE A 196 -19.40 -5.17 -8.54
C ILE A 196 -18.72 -6.33 -9.27
N ALA A 197 -18.17 -6.04 -10.45
CA ALA A 197 -17.49 -7.05 -11.27
C ALA A 197 -16.27 -7.65 -10.60
N GLN A 198 -15.39 -6.77 -10.12
CA GLN A 198 -14.13 -7.18 -9.50
C GLN A 198 -14.29 -8.20 -8.42
N ASP A 199 -15.51 -8.39 -7.92
CA ASP A 199 -15.75 -9.37 -6.86
C ASP A 199 -16.21 -10.73 -7.39
N LEU A 200 -16.35 -10.85 -8.70
CA LEU A 200 -16.74 -12.12 -9.33
C LEU A 200 -15.54 -13.08 -9.18
N GLU A 201 -15.80 -14.37 -9.27
CA GLU A 201 -14.74 -15.36 -9.07
C GLU A 201 -13.76 -15.46 -10.23
N MET A 202 -14.24 -15.31 -11.45
CA MET A 202 -13.41 -15.41 -12.63
C MET A 202 -12.85 -14.09 -13.12
N TYR A 203 -13.06 -13.06 -12.32
CA TYR A 203 -12.58 -11.74 -12.69
C TYR A 203 -11.06 -11.69 -12.64
N GLY A 204 -10.45 -11.12 -13.65
CA GLY A 204 -9.01 -10.98 -13.69
C GLY A 204 -8.20 -12.24 -13.50
N VAL A 205 -8.73 -13.36 -13.97
CA VAL A 205 -8.03 -14.64 -13.87
C VAL A 205 -7.74 -15.16 -15.27
N ASN A 206 -6.50 -15.59 -15.52
CA ASN A 206 -6.17 -16.16 -16.82
C ASN A 206 -6.16 -17.68 -16.63
N TYR A 207 -7.02 -18.38 -17.38
CA TYR A 207 -7.08 -19.83 -17.25
C TYR A 207 -6.30 -20.59 -18.32
N PHE A 208 -5.77 -21.74 -17.94
CA PHE A 208 -5.02 -22.59 -18.86
C PHE A 208 -5.29 -24.06 -18.56
N GLU A 209 -5.52 -24.83 -19.62
CA GLU A 209 -5.79 -26.25 -19.46
C GLU A 209 -4.46 -26.96 -19.21
N ILE A 210 -4.40 -27.69 -18.11
CA ILE A 210 -3.20 -28.42 -17.71
C ILE A 210 -3.61 -29.81 -17.23
N LYS A 211 -2.61 -30.67 -17.00
CA LYS A 211 -2.82 -32.03 -16.50
C LYS A 211 -1.76 -32.18 -15.42
N ASN A 212 -2.02 -32.98 -14.38
CA ASN A 212 -1.03 -33.18 -13.33
C ASN A 212 -0.23 -34.41 -13.66
N LYS A 213 0.58 -34.85 -12.72
CA LYS A 213 1.40 -36.02 -12.86
C LYS A 213 0.65 -37.20 -13.48
N LYS A 214 -0.64 -37.32 -13.21
CA LYS A 214 -1.37 -38.46 -13.74
C LYS A 214 -1.95 -38.30 -15.14
N GLY A 215 -2.62 -37.19 -15.40
CA GLY A 215 -3.23 -36.99 -16.71
C GLY A 215 -4.65 -36.53 -16.45
N THR A 216 -4.85 -36.01 -15.25
CA THR A 216 -6.13 -35.48 -14.83
C THR A 216 -6.19 -34.06 -15.37
N GLU A 217 -7.23 -33.76 -16.15
CA GLU A 217 -7.38 -32.43 -16.74
C GLU A 217 -7.64 -31.39 -15.64
N LEU A 218 -7.02 -30.22 -15.76
CA LEU A 218 -7.16 -29.17 -14.76
C LEU A 218 -7.04 -27.76 -15.29
N TRP A 219 -7.27 -26.79 -14.40
CA TRP A 219 -7.18 -25.38 -14.74
C TRP A 219 -6.18 -24.67 -13.84
N LEU A 220 -5.33 -23.87 -14.46
CA LEU A 220 -4.35 -23.07 -13.73
C LEU A 220 -4.86 -21.65 -13.87
N GLY A 221 -4.89 -20.94 -12.76
CA GLY A 221 -5.39 -19.59 -12.80
C GLY A 221 -4.41 -18.55 -12.34
N VAL A 222 -3.66 -18.02 -13.29
CA VAL A 222 -2.70 -16.98 -12.97
C VAL A 222 -3.47 -15.69 -12.74
N ASP A 223 -3.34 -15.11 -11.56
CA ASP A 223 -4.02 -13.85 -11.29
C ASP A 223 -3.27 -12.97 -10.27
N ALA A 224 -3.63 -11.70 -10.26
CA ALA A 224 -3.04 -10.67 -9.41
C ALA A 224 -2.46 -11.06 -8.05
N LEU A 225 -3.03 -12.04 -7.37
CA LEU A 225 -2.54 -12.41 -6.03
C LEU A 225 -1.71 -13.69 -5.94
N GLY A 226 -1.60 -14.39 -7.07
CA GLY A 226 -0.84 -15.63 -7.12
C GLY A 226 -1.39 -16.61 -8.14
N LEU A 227 -1.18 -17.90 -7.89
CA LEU A 227 -1.64 -18.97 -8.76
C LEU A 227 -2.76 -19.79 -8.11
N ASN A 228 -3.48 -20.55 -8.92
CA ASN A 228 -4.56 -21.39 -8.42
C ASN A 228 -4.77 -22.61 -9.33
N ILE A 229 -5.13 -23.74 -8.71
CA ILE A 229 -5.39 -24.96 -9.42
C ILE A 229 -6.88 -25.26 -9.26
N TYR A 230 -7.57 -25.38 -10.39
CA TYR A 230 -8.98 -25.64 -10.42
C TYR A 230 -9.26 -27.00 -11.03
N GLU A 231 -10.35 -27.62 -10.61
CA GLU A 231 -10.80 -28.91 -11.13
C GLU A 231 -11.32 -28.50 -12.48
N HIS A 232 -11.54 -29.44 -13.38
CA HIS A 232 -12.01 -29.03 -14.68
C HIS A 232 -13.44 -28.52 -14.71
N ASP A 233 -14.31 -29.17 -13.94
CA ASP A 233 -15.72 -28.78 -13.89
C ASP A 233 -16.01 -27.48 -13.15
N ASP A 234 -15.17 -27.14 -12.19
CA ASP A 234 -15.35 -25.93 -11.41
C ASP A 234 -14.21 -24.92 -11.62
N LYS A 235 -14.45 -23.90 -12.44
CA LYS A 235 -13.46 -22.86 -12.71
C LYS A 235 -13.69 -21.64 -11.83
N LEU A 236 -14.52 -21.81 -10.82
CA LEU A 236 -14.86 -20.75 -9.88
C LEU A 236 -14.01 -20.84 -8.62
N THR A 237 -14.27 -21.85 -7.80
CA THR A 237 -13.51 -22.05 -6.58
C THR A 237 -12.32 -22.99 -6.84
N PRO A 238 -11.11 -22.53 -6.49
CA PRO A 238 -9.87 -23.29 -6.66
C PRO A 238 -9.77 -24.44 -5.68
N LYS A 239 -8.95 -25.44 -5.98
CA LYS A 239 -8.76 -26.55 -5.08
C LYS A 239 -7.47 -26.34 -4.31
N ILE A 240 -6.50 -25.68 -4.94
CA ILE A 240 -5.23 -25.38 -4.30
C ILE A 240 -4.79 -23.99 -4.69
N GLY A 241 -4.67 -23.09 -3.71
CA GLY A 241 -4.25 -21.74 -3.99
C GLY A 241 -2.74 -21.59 -3.80
N PHE A 242 -2.18 -20.52 -4.34
CA PHE A 242 -0.75 -20.27 -4.22
C PHE A 242 -0.44 -18.78 -4.11
N PRO A 243 -0.60 -18.19 -2.91
CA PRO A 243 -0.31 -16.77 -2.73
C PRO A 243 1.15 -16.47 -3.08
N TRP A 244 1.40 -15.34 -3.73
CA TRP A 244 2.76 -14.95 -4.08
C TRP A 244 3.66 -15.15 -2.86
N SER A 245 3.12 -14.77 -1.71
CA SER A 245 3.80 -14.85 -0.41
C SER A 245 4.47 -16.18 -0.06
N GLU A 246 3.81 -17.29 -0.40
CA GLU A 246 4.37 -18.59 -0.10
C GLU A 246 4.94 -19.28 -1.33
N ILE A 247 5.55 -18.49 -2.21
CA ILE A 247 6.16 -19.08 -3.40
C ILE A 247 7.63 -18.73 -3.52
N ARG A 248 8.46 -19.77 -3.48
CA ARG A 248 9.91 -19.62 -3.61
C ARG A 248 10.26 -19.18 -5.03
N ASN A 249 9.80 -19.94 -6.02
CA ASN A 249 10.07 -19.63 -7.42
C ASN A 249 9.18 -20.50 -8.26
N ILE A 250 9.03 -20.16 -9.54
CA ILE A 250 8.23 -20.98 -10.47
C ILE A 250 9.12 -21.24 -11.69
N SER A 251 9.00 -22.42 -12.29
CA SER A 251 9.84 -22.75 -13.44
C SER A 251 9.18 -23.80 -14.30
N PHE A 252 9.84 -24.15 -15.40
CA PHE A 252 9.32 -25.17 -16.30
C PHE A 252 10.35 -25.62 -17.31
N ASN A 253 10.08 -26.77 -17.91
CA ASN A 253 10.92 -27.30 -18.95
C ASN A 253 9.93 -27.50 -20.07
N ASP A 254 10.33 -28.12 -21.17
CA ASP A 254 9.40 -28.30 -22.29
C ASP A 254 7.92 -28.10 -21.88
N LYS A 255 7.35 -29.06 -21.17
CA LYS A 255 5.96 -28.95 -20.78
C LYS A 255 5.76 -29.02 -19.28
N LYS A 256 6.71 -29.67 -18.60
CA LYS A 256 6.63 -29.82 -17.15
C LYS A 256 6.88 -28.48 -16.47
N PHE A 257 5.87 -28.03 -15.73
CA PHE A 257 5.91 -26.76 -15.01
C PHE A 257 5.92 -27.08 -13.51
N VAL A 258 6.75 -26.38 -12.74
CA VAL A 258 6.81 -26.61 -11.31
C VAL A 258 6.82 -25.37 -10.43
N ILE A 259 6.05 -25.46 -9.34
CA ILE A 259 5.92 -24.37 -8.39
C ILE A 259 6.52 -24.80 -7.06
N LYS A 260 7.59 -24.16 -6.64
CA LYS A 260 8.25 -24.49 -5.39
C LYS A 260 7.81 -23.60 -4.25
N PRO A 261 7.33 -24.21 -3.16
CA PRO A 261 6.86 -23.51 -1.96
C PRO A 261 8.03 -22.86 -1.25
N ILE A 262 7.77 -21.78 -0.52
CA ILE A 262 8.82 -21.09 0.19
C ILE A 262 9.17 -21.90 1.46
N ASP A 263 8.18 -22.64 1.95
CA ASP A 263 8.39 -23.49 3.12
C ASP A 263 8.72 -24.86 2.58
N LYS A 264 9.90 -25.36 2.90
CA LYS A 264 10.31 -26.67 2.41
C LYS A 264 9.46 -27.82 2.92
N LYS A 265 8.55 -27.53 3.85
CA LYS A 265 7.68 -28.54 4.42
C LYS A 265 6.57 -28.94 3.46
N ALA A 266 6.14 -27.98 2.64
CA ALA A 266 5.11 -28.23 1.66
C ALA A 266 5.76 -28.83 0.42
N PRO A 267 5.05 -29.75 -0.26
CA PRO A 267 5.53 -30.42 -1.46
C PRO A 267 5.52 -29.48 -2.66
N ASP A 268 6.21 -29.88 -3.73
CA ASP A 268 6.27 -29.08 -4.95
C ASP A 268 5.10 -29.45 -5.85
N PHE A 269 4.31 -28.47 -6.26
CA PHE A 269 3.18 -28.78 -7.14
C PHE A 269 3.67 -28.86 -8.58
N VAL A 270 3.35 -29.95 -9.25
CA VAL A 270 3.77 -30.15 -10.62
C VAL A 270 2.58 -30.33 -11.55
N PHE A 271 2.74 -29.90 -12.80
CA PHE A 271 1.69 -30.04 -13.80
C PHE A 271 2.31 -29.92 -15.18
N TYR A 272 1.53 -30.16 -16.21
CA TYR A 272 2.06 -30.10 -17.55
C TYR A 272 1.19 -29.24 -18.42
N ALA A 273 1.82 -28.47 -19.29
CA ALA A 273 1.09 -27.60 -20.20
C ALA A 273 1.12 -28.22 -21.59
N PRO A 274 0.14 -27.88 -22.44
CA PRO A 274 0.07 -28.41 -23.80
C PRO A 274 1.33 -28.10 -24.60
N ARG A 275 1.57 -26.82 -24.84
CA ARG A 275 2.73 -26.41 -25.61
C ARG A 275 3.69 -25.56 -24.85
N LEU A 276 4.84 -25.35 -25.48
CA LEU A 276 5.88 -24.52 -24.91
C LEU A 276 5.35 -23.10 -24.91
N ARG A 277 4.88 -22.63 -26.08
CA ARG A 277 4.35 -21.28 -26.23
C ARG A 277 3.36 -20.92 -25.14
N ILE A 278 2.63 -21.93 -24.66
CA ILE A 278 1.67 -21.67 -23.61
C ILE A 278 2.34 -21.70 -22.23
N ASN A 279 3.48 -22.37 -22.11
CA ASN A 279 4.15 -22.38 -20.82
C ASN A 279 4.94 -21.08 -20.64
N LYS A 280 5.30 -20.47 -21.77
CA LYS A 280 6.04 -19.22 -21.78
C LYS A 280 5.11 -18.12 -21.34
N ARG A 281 3.88 -18.16 -21.85
CA ARG A 281 2.90 -17.15 -21.53
C ARG A 281 2.52 -17.20 -20.07
N ILE A 282 2.43 -18.41 -19.52
CA ILE A 282 2.08 -18.51 -18.11
C ILE A 282 3.14 -17.81 -17.26
N LEU A 283 4.40 -18.16 -17.47
CA LEU A 283 5.47 -17.54 -16.72
C LEU A 283 5.45 -16.02 -16.88
N ALA A 284 5.18 -15.57 -18.09
CA ALA A 284 5.15 -14.15 -18.39
C ALA A 284 4.12 -13.43 -17.52
N LEU A 285 2.94 -14.02 -17.42
CA LEU A 285 1.87 -13.45 -16.63
C LEU A 285 2.27 -13.39 -15.17
N CYS A 286 2.84 -14.47 -14.67
CA CYS A 286 3.29 -14.51 -13.30
C CYS A 286 4.21 -13.35 -12.99
N MET A 287 5.26 -13.21 -13.81
CA MET A 287 6.24 -12.14 -13.64
C MET A 287 5.57 -10.77 -13.63
N GLY A 288 4.59 -10.58 -14.50
CA GLY A 288 3.90 -9.31 -14.54
C GLY A 288 2.97 -9.09 -13.35
N ASN A 289 2.21 -10.10 -12.97
CA ASN A 289 1.31 -9.92 -11.85
C ASN A 289 2.05 -9.79 -10.56
N HIS A 290 3.11 -10.58 -10.41
CA HIS A 290 3.91 -10.55 -9.20
C HIS A 290 4.64 -9.23 -9.09
N GLU A 291 4.95 -8.66 -10.25
CA GLU A 291 5.63 -7.38 -10.33
C GLU A 291 4.71 -6.29 -9.80
N LEU A 292 3.48 -6.26 -10.28
CA LEU A 292 2.52 -5.27 -9.84
C LEU A 292 2.13 -5.53 -8.40
N TYR A 293 2.06 -6.80 -8.00
CA TYR A 293 1.71 -7.16 -6.63
C TYR A 293 2.63 -6.46 -5.65
N MET A 294 3.93 -6.52 -5.95
CA MET A 294 4.95 -5.88 -5.14
C MET A 294 4.82 -4.39 -5.24
N ARG A 295 4.87 -3.90 -6.47
CA ARG A 295 4.75 -2.49 -6.73
C ARG A 295 3.67 -1.83 -5.86
N ARG A 296 2.44 -2.34 -5.88
CA ARG A 296 1.41 -1.70 -5.06
C ARG A 296 1.56 -1.87 -3.55
N ARG A 297 2.70 -2.37 -3.09
CA ARG A 297 2.91 -2.53 -1.67
C ARG A 297 4.05 -1.61 -1.30
N LYS A 298 4.61 -0.98 -2.32
CA LYS A 298 5.69 -0.03 -2.15
C LYS A 298 5.06 1.35 -1.99
N PRO A 299 5.81 2.30 -1.42
CA PRO A 299 5.21 3.63 -1.27
C PRO A 299 4.79 4.16 -2.64
N ASP A 300 3.74 4.97 -2.67
CA ASP A 300 3.30 5.55 -3.93
C ASP A 300 4.46 6.33 -4.54
N THR A 301 4.82 6.01 -5.78
CA THR A 301 5.90 6.70 -6.47
C THR A 301 5.57 8.18 -6.63
N ILE A 302 6.60 9.02 -6.67
CA ILE A 302 6.42 10.45 -6.81
C ILE A 302 5.85 10.88 -8.16
N GLU A 303 5.06 10.02 -8.77
CA GLU A 303 4.42 10.31 -10.06
C GLU A 303 2.96 9.92 -9.93
N VAL A 304 2.73 8.80 -9.27
CA VAL A 304 1.38 8.30 -9.01
C VAL A 304 0.82 9.18 -7.90
N GLN A 305 1.76 9.69 -7.09
CA GLN A 305 1.46 10.51 -5.93
C GLN A 305 0.43 11.63 -6.10
N GLN A 306 0.60 12.48 -7.10
CA GLN A 306 -0.38 13.54 -7.26
C GLN A 306 -1.35 13.37 -8.41
N MET A 307 -1.42 12.18 -8.97
CA MET A 307 -2.39 11.94 -10.03
C MET A 307 -3.67 11.84 -9.22
N LYS A 308 -3.52 11.31 -8.01
CA LYS A 308 -4.63 11.12 -7.08
C LYS A 308 -5.21 12.41 -6.52
N ALA A 309 -4.38 13.44 -6.40
CA ALA A 309 -4.85 14.71 -5.85
C ALA A 309 -5.65 15.52 -6.85
N GLN A 310 -5.22 15.50 -8.12
CA GLN A 310 -5.93 16.24 -9.16
C GLN A 310 -7.27 15.56 -9.41
N ALA A 311 -7.38 14.30 -8.97
CA ALA A 311 -8.60 13.53 -9.13
C ALA A 311 -9.57 13.82 -7.98
N ARG A 312 -9.06 14.54 -6.98
CA ARG A 312 -9.87 14.92 -5.83
C ARG A 312 -10.42 16.31 -6.09
N VAL A 313 -9.95 16.91 -7.19
CA VAL A 313 -10.35 18.24 -7.62
C VAL A 313 -11.44 18.11 -8.69
N ASP A 314 -11.25 17.14 -9.58
CA ASP A 314 -12.16 16.86 -10.69
C ASP A 314 -13.52 16.30 -10.25
N SER A 315 -13.65 15.98 -8.96
CA SER A 315 -14.91 15.44 -8.45
C SER A 315 -15.63 16.45 -7.56
N MET B 3 30.85 24.02 -7.94
CA MET B 3 29.36 23.92 -7.76
C MET B 3 28.81 22.58 -8.20
N PRO B 4 28.73 21.61 -7.28
CA PRO B 4 28.22 20.25 -7.52
C PRO B 4 26.75 20.22 -7.94
N LYS B 5 26.20 19.01 -8.06
CA LYS B 5 24.80 18.83 -8.46
C LYS B 5 23.89 18.86 -7.24
N PRO B 6 22.86 19.72 -7.26
CA PRO B 6 21.92 19.83 -6.15
C PRO B 6 21.17 18.52 -5.87
N ILE B 7 20.77 18.32 -4.61
CA ILE B 7 20.04 17.12 -4.23
C ILE B 7 18.70 17.52 -3.63
N ASN B 8 17.61 17.18 -4.30
CA ASN B 8 16.30 17.54 -3.80
C ASN B 8 15.75 16.55 -2.79
N VAL B 9 15.56 17.01 -1.55
CA VAL B 9 15.00 16.15 -0.50
C VAL B 9 13.63 16.73 -0.15
N ARG B 10 12.72 15.87 0.29
CA ARG B 10 11.40 16.34 0.70
C ARG B 10 11.20 15.79 2.11
N VAL B 11 11.05 16.69 3.07
CA VAL B 11 10.84 16.28 4.47
C VAL B 11 9.44 16.66 4.86
N THR B 12 8.78 15.81 5.63
CA THR B 12 7.43 16.12 6.08
C THR B 12 7.32 15.84 7.56
N THR B 13 6.61 16.72 8.26
CA THR B 13 6.40 16.59 9.68
C THR B 13 4.96 16.16 9.80
N MET B 14 4.47 16.01 11.04
CA MET B 14 3.09 15.61 11.22
C MET B 14 2.09 16.60 10.63
N ASP B 15 2.56 17.79 10.27
CA ASP B 15 1.63 18.76 9.68
C ASP B 15 2.30 19.78 8.77
N ALA B 16 3.46 19.45 8.24
CA ALA B 16 4.16 20.37 7.38
C ALA B 16 5.02 19.64 6.35
N GLU B 17 5.10 20.21 5.15
CA GLU B 17 5.88 19.63 4.08
C GLU B 17 6.94 20.61 3.59
N LEU B 18 8.20 20.22 3.70
CA LEU B 18 9.33 21.07 3.28
C LEU B 18 10.11 20.41 2.15
N GLU B 19 10.46 21.18 1.13
CA GLU B 19 11.24 20.63 0.01
C GLU B 19 12.47 21.50 -0.16
N PHE B 20 13.65 20.97 0.08
CA PHE B 20 14.83 21.80 -0.09
C PHE B 20 16.09 21.06 -0.48
N ALA B 21 16.70 21.50 -1.57
CA ALA B 21 17.91 20.88 -2.09
C ALA B 21 19.10 20.99 -1.15
N ILE B 22 19.95 19.96 -1.21
CA ILE B 22 21.16 19.88 -0.40
C ILE B 22 22.35 19.65 -1.31
N GLN B 23 23.54 19.78 -0.72
CA GLN B 23 24.79 19.55 -1.42
C GLN B 23 25.21 18.12 -1.03
N PRO B 24 25.87 17.39 -1.96
CA PRO B 24 26.33 16.02 -1.73
C PRO B 24 27.10 15.76 -0.44
N ASN B 25 27.89 16.74 0.01
CA ASN B 25 28.66 16.61 1.25
C ASN B 25 27.70 16.39 2.40
N THR B 26 26.74 17.31 2.52
CA THR B 26 25.72 17.33 3.56
C THR B 26 25.49 16.06 4.35
N THR B 27 25.60 16.19 5.65
CA THR B 27 25.42 15.08 6.57
C THR B 27 24.02 15.10 7.14
N GLY B 28 23.75 14.12 7.98
CA GLY B 28 22.44 14.06 8.61
C GLY B 28 22.28 15.23 9.56
N LYS B 29 23.26 15.42 10.46
CA LYS B 29 23.21 16.50 11.42
C LYS B 29 22.87 17.81 10.72
N GLN B 30 23.41 18.02 9.52
CA GLN B 30 23.13 19.26 8.81
C GLN B 30 21.68 19.38 8.37
N LEU B 31 21.19 18.39 7.63
CA LEU B 31 19.82 18.38 7.13
C LEU B 31 18.84 18.57 8.28
N PHE B 32 19.08 17.84 9.36
CA PHE B 32 18.27 17.91 10.58
C PHE B 32 18.15 19.37 11.08
N ASP B 33 19.29 20.03 11.27
CA ASP B 33 19.33 21.40 11.75
C ASP B 33 18.48 22.34 10.89
N GLN B 34 18.66 22.27 9.57
CA GLN B 34 17.91 23.15 8.71
C GLN B 34 16.40 22.92 8.89
N VAL B 35 15.99 21.64 8.89
CA VAL B 35 14.59 21.28 9.09
C VAL B 35 14.13 21.88 10.41
N VAL B 36 14.84 21.51 11.45
CA VAL B 36 14.57 21.97 12.80
C VAL B 36 14.44 23.49 12.91
N LYS B 37 15.31 24.21 12.20
CA LYS B 37 15.27 25.67 12.22
C LYS B 37 14.09 26.22 11.43
N THR B 38 13.65 25.51 10.41
CA THR B 38 12.50 25.97 9.62
C THR B 38 11.25 25.86 10.48
N VAL B 39 11.11 24.70 11.12
CA VAL B 39 9.97 24.41 11.98
C VAL B 39 10.03 25.21 13.29
N GLY B 40 11.24 25.55 13.74
CA GLY B 40 11.37 26.30 14.97
C GLY B 40 11.48 25.40 16.19
N LEU B 41 11.75 24.12 15.93
CA LEU B 41 11.87 23.12 16.99
C LEU B 41 13.19 23.22 17.75
N ARG B 42 13.12 23.35 19.07
CA ARG B 42 14.35 23.41 19.89
C ARG B 42 14.58 22.10 20.66
N GLU B 43 13.51 21.46 21.10
CA GLU B 43 13.65 20.21 21.82
C GLU B 43 13.88 19.14 20.77
N VAL B 44 15.03 19.21 20.13
CA VAL B 44 15.38 18.29 19.07
C VAL B 44 15.80 16.89 19.51
N TRP B 45 15.97 16.66 20.80
CA TRP B 45 16.41 15.34 21.24
C TRP B 45 15.44 14.18 21.03
N PHE B 46 14.16 14.45 20.85
CA PHE B 46 13.19 13.36 20.65
C PHE B 46 12.97 12.99 19.18
N PHE B 47 13.49 13.77 18.25
CA PHE B 47 13.20 13.50 16.86
C PHE B 47 14.30 12.94 15.97
N GLY B 48 13.94 12.67 14.73
CA GLY B 48 14.88 12.13 13.77
C GLY B 48 14.25 12.09 12.41
N LEU B 49 15.05 11.80 11.39
CA LEU B 49 14.55 11.71 10.02
C LEU B 49 14.41 10.25 9.62
N GLN B 50 13.17 9.81 9.42
CA GLN B 50 12.91 8.43 9.04
C GLN B 50 12.88 8.34 7.50
N TYR B 51 13.50 7.32 6.92
CA TYR B 51 13.48 7.21 5.46
C TYR B 51 13.38 5.77 5.01
N VAL B 52 13.12 5.58 3.72
CA VAL B 52 12.99 4.23 3.17
C VAL B 52 14.26 3.72 2.49
N ASP B 53 14.78 2.62 3.04
CA ASP B 53 15.99 1.95 2.55
C ASP B 53 15.70 1.45 1.15
N SER B 54 16.71 1.40 0.29
CA SER B 54 16.49 0.91 -1.07
C SER B 54 15.83 -0.46 -1.04
N LYS B 55 16.19 -1.24 -0.04
CA LYS B 55 15.62 -2.57 0.12
C LYS B 55 14.15 -2.44 0.51
N GLY B 56 13.77 -1.27 1.01
CA GLY B 56 12.39 -1.03 1.40
C GLY B 56 12.21 -0.99 2.91
N TYR B 57 13.28 -1.29 3.64
CA TYR B 57 13.30 -1.30 5.09
C TYR B 57 13.35 0.13 5.65
N SER B 58 12.30 0.58 6.34
CA SER B 58 12.30 1.95 6.87
C SER B 58 13.31 2.09 8.01
N THR B 59 14.27 3.00 7.82
CA THR B 59 15.32 3.23 8.81
C THR B 59 15.46 4.68 9.23
N TRP B 60 16.36 4.90 10.19
CA TRP B 60 16.61 6.25 10.69
C TRP B 60 17.91 6.81 10.13
N LEU B 61 17.83 8.00 9.56
CA LEU B 61 18.96 8.71 8.98
C LEU B 61 20.04 8.95 10.03
N LYS B 62 21.24 8.45 9.78
CA LYS B 62 22.32 8.68 10.74
C LYS B 62 22.88 10.07 10.46
N LEU B 63 22.93 10.89 11.51
CA LEU B 63 23.40 12.26 11.42
C LEU B 63 24.90 12.44 11.29
N ASN B 64 25.66 11.45 11.74
CA ASN B 64 27.11 11.51 11.68
C ASN B 64 27.68 11.03 10.34
N LYS B 65 26.80 10.75 9.39
CA LYS B 65 27.22 10.30 8.06
C LYS B 65 26.55 11.15 6.99
N LYS B 66 27.12 11.17 5.79
CA LYS B 66 26.56 11.95 4.70
C LYS B 66 25.16 11.48 4.40
N VAL B 67 24.39 12.28 3.68
CA VAL B 67 23.03 11.93 3.36
C VAL B 67 22.92 11.10 2.09
N THR B 68 23.64 11.50 1.05
CA THR B 68 23.61 10.74 -0.20
C THR B 68 24.51 9.51 -0.06
N GLN B 69 24.94 9.25 1.16
CA GLN B 69 25.81 8.11 1.41
C GLN B 69 25.02 6.92 1.93
N GLN B 70 24.00 7.16 2.73
CA GLN B 70 23.18 6.09 3.29
C GLN B 70 22.21 5.56 2.24
N ASP B 71 22.14 4.24 2.12
CA ASP B 71 21.26 3.58 1.15
C ASP B 71 19.83 4.14 1.18
N VAL B 72 19.62 5.28 0.54
CA VAL B 72 18.29 5.90 0.50
C VAL B 72 17.60 5.68 -0.84
N LYS B 73 16.37 5.15 -0.83
CA LYS B 73 15.62 4.90 -2.07
C LYS B 73 15.88 6.07 -2.98
N LYS B 74 16.62 5.81 -4.04
CA LYS B 74 16.92 6.89 -4.93
C LYS B 74 15.70 7.29 -5.72
N GLU B 75 15.15 8.44 -5.38
CA GLU B 75 13.99 9.00 -6.07
C GLU B 75 14.19 10.52 -6.08
N ASN B 76 13.31 11.26 -6.72
CA ASN B 76 13.47 12.72 -6.75
C ASN B 76 12.15 13.46 -6.59
N PRO B 77 11.97 14.14 -5.44
CA PRO B 77 12.94 14.22 -4.34
C PRO B 77 12.98 12.99 -3.44
N LEU B 78 14.04 12.91 -2.63
CA LEU B 78 14.20 11.84 -1.66
C LEU B 78 13.13 12.12 -0.63
N GLN B 79 12.66 11.09 0.06
CA GLN B 79 11.61 11.36 1.03
C GLN B 79 11.88 10.94 2.45
N PHE B 80 11.71 11.90 3.35
CA PHE B 80 11.93 11.71 4.78
C PHE B 80 10.70 12.09 5.59
N LYS B 81 10.54 11.43 6.73
CA LYS B 81 9.46 11.72 7.64
C LYS B 81 10.15 12.19 8.91
N PHE B 82 9.81 13.41 9.33
CA PHE B 82 10.37 13.97 10.55
C PHE B 82 9.44 13.47 11.64
N ARG B 83 9.94 12.62 12.52
CA ARG B 83 9.10 12.06 13.57
C ARG B 83 9.85 11.87 14.88
N ALA B 84 9.10 11.71 15.96
CA ALA B 84 9.71 11.51 17.26
C ALA B 84 10.23 10.06 17.36
N LYS B 85 11.50 9.89 17.71
CA LYS B 85 12.08 8.56 17.83
C LYS B 85 12.01 8.13 19.30
N PHE B 86 12.07 9.09 20.21
CA PHE B 86 12.00 8.79 21.63
C PHE B 86 10.91 9.58 22.31
N PHE B 87 10.26 8.95 23.29
CA PHE B 87 9.19 9.58 24.04
C PHE B 87 9.59 10.00 25.45
N PRO B 88 8.98 11.09 25.95
CA PRO B 88 9.27 11.61 27.28
C PRO B 88 8.64 10.80 28.41
N GLU B 89 9.37 10.67 29.51
CA GLU B 89 8.85 9.96 30.66
C GLU B 89 7.56 10.64 31.12
N ASP B 90 7.52 11.96 31.00
CA ASP B 90 6.34 12.69 31.40
C ASP B 90 6.13 13.86 30.45
N VAL B 91 5.07 13.75 29.67
CA VAL B 91 4.70 14.73 28.68
C VAL B 91 4.56 16.16 29.21
N SER B 92 3.85 16.33 30.32
CA SER B 92 3.63 17.64 30.91
C SER B 92 4.87 18.35 31.44
N GLU B 93 6.02 17.71 31.39
CA GLU B 93 7.21 18.40 31.87
C GLU B 93 8.47 18.19 31.06
N GLU B 94 8.33 17.76 29.81
CA GLU B 94 9.51 17.59 28.96
C GLU B 94 9.20 18.20 27.61
N LEU B 95 7.92 18.48 27.38
CA LEU B 95 7.45 19.10 26.17
C LEU B 95 7.02 20.52 26.54
N ILE B 96 7.98 21.43 26.49
CA ILE B 96 7.76 22.81 26.83
C ILE B 96 7.25 23.66 25.67
N GLN B 97 7.97 23.67 24.55
CA GLN B 97 7.57 24.41 23.35
C GLN B 97 6.25 23.90 22.79
N GLU B 98 5.35 24.82 22.43
CA GLU B 98 4.05 24.45 21.88
C GLU B 98 4.13 23.62 20.61
N ILE B 99 5.25 23.67 19.89
CA ILE B 99 5.36 22.89 18.65
C ILE B 99 5.78 21.45 18.87
N THR B 100 6.53 21.21 19.95
CA THR B 100 6.96 19.86 20.27
C THR B 100 5.72 19.14 20.79
N GLN B 101 4.74 19.93 21.22
CA GLN B 101 3.50 19.38 21.75
C GLN B 101 2.56 19.03 20.61
N ARG B 102 2.38 19.96 19.70
CA ARG B 102 1.48 19.72 18.58
C ARG B 102 1.99 18.52 17.82
N LEU B 103 3.31 18.45 17.67
CA LEU B 103 3.91 17.34 16.95
C LEU B 103 3.66 16.01 17.64
N PHE B 104 3.96 15.92 18.94
CA PHE B 104 3.72 14.68 19.63
C PHE B 104 2.23 14.41 19.60
N PHE B 105 1.43 15.43 19.86
CA PHE B 105 -0.01 15.26 19.81
C PHE B 105 -0.41 14.50 18.53
N LEU B 106 -0.05 15.05 17.38
CA LEU B 106 -0.40 14.42 16.10
C LEU B 106 0.11 13.00 15.93
N GLN B 107 1.39 12.79 16.24
CA GLN B 107 1.97 11.48 16.05
C GLN B 107 1.39 10.40 16.95
N VAL B 108 0.92 10.78 18.13
CA VAL B 108 0.38 9.80 19.04
C VAL B 108 -1.03 9.48 18.64
N LYS B 109 -1.78 10.50 18.23
CA LYS B 109 -3.16 10.32 17.80
C LYS B 109 -3.20 9.40 16.56
N GLU B 110 -2.15 9.48 15.75
CA GLU B 110 -2.04 8.63 14.58
C GLU B 110 -1.84 7.22 15.10
N ALA B 111 -0.91 7.08 16.02
CA ALA B 111 -0.63 5.78 16.59
C ALA B 111 -1.93 5.22 17.18
N ILE B 112 -2.64 6.04 17.95
CA ILE B 112 -3.88 5.60 18.58
C ILE B 112 -4.90 5.12 17.57
N LEU B 113 -5.20 5.96 16.60
CA LEU B 113 -6.16 5.64 15.58
C LEU B 113 -5.79 4.36 14.80
N ASN B 114 -4.56 4.28 14.29
CA ASN B 114 -4.08 3.10 13.53
C ASN B 114 -3.81 1.88 14.43
N ASP B 115 -4.56 1.76 15.51
CA ASP B 115 -4.43 0.65 16.44
C ASP B 115 -2.99 0.26 16.84
N GLU B 116 -2.05 1.18 16.74
CA GLU B 116 -0.66 0.90 17.11
C GLU B 116 -0.48 0.88 18.63
N ILE B 117 -1.40 1.53 19.34
CA ILE B 117 -1.34 1.59 20.79
C ILE B 117 -2.71 1.23 21.35
N TYR B 118 -2.84 0.00 21.85
CA TYR B 118 -4.11 -0.49 22.37
C TYR B 118 -4.82 0.58 23.17
N CYS B 119 -6.13 0.65 23.01
CA CYS B 119 -6.90 1.67 23.69
C CYS B 119 -8.31 1.25 24.08
N PRO B 120 -8.64 1.32 25.38
CA PRO B 120 -9.99 0.93 25.79
C PRO B 120 -10.96 1.91 25.16
N PRO B 121 -12.17 1.48 24.83
CA PRO B 121 -13.13 2.38 24.20
C PRO B 121 -13.51 3.62 25.01
N GLU B 122 -13.51 3.52 26.33
CA GLU B 122 -13.87 4.69 27.11
C GLU B 122 -12.73 5.70 27.00
N THR B 123 -11.50 5.22 26.98
CA THR B 123 -10.31 6.08 26.87
C THR B 123 -10.25 6.72 25.49
N ALA B 124 -10.70 5.96 24.50
CA ALA B 124 -10.72 6.42 23.13
C ALA B 124 -11.77 7.52 22.94
N VAL B 125 -12.97 7.31 23.47
CA VAL B 125 -14.01 8.31 23.30
C VAL B 125 -13.53 9.62 23.90
N LEU B 126 -12.97 9.55 25.09
CA LEU B 126 -12.46 10.71 25.80
C LEU B 126 -11.34 11.37 24.97
N LEU B 127 -10.41 10.55 24.49
CA LEU B 127 -9.31 11.03 23.66
C LEU B 127 -9.88 11.79 22.50
N ALA B 128 -10.83 11.16 21.81
CA ALA B 128 -11.47 11.76 20.65
C ALA B 128 -12.04 13.13 20.93
N SER B 129 -12.63 13.31 22.11
CA SER B 129 -13.21 14.60 22.44
C SER B 129 -12.14 15.66 22.59
N TYR B 130 -11.01 15.29 23.19
CA TYR B 130 -9.94 16.24 23.38
C TYR B 130 -9.32 16.59 22.05
N ALA B 131 -9.52 15.72 21.07
CA ALA B 131 -9.01 15.96 19.74
C ALA B 131 -9.93 16.94 19.01
N VAL B 132 -11.26 16.73 19.10
CA VAL B 132 -12.21 17.62 18.42
C VAL B 132 -12.32 19.03 19.03
N GLN B 133 -11.95 19.17 20.30
CA GLN B 133 -11.96 20.47 20.96
C GLN B 133 -10.75 21.22 20.42
N ALA B 134 -9.70 20.48 20.10
CA ALA B 134 -8.49 21.08 19.56
C ALA B 134 -8.74 21.46 18.10
N LYS B 135 -9.51 20.64 17.41
CA LYS B 135 -9.79 20.88 16.01
C LYS B 135 -10.88 21.89 15.70
N TYR B 136 -11.97 21.86 16.47
CA TYR B 136 -13.10 22.77 16.23
C TYR B 136 -13.28 23.87 17.25
N GLY B 137 -12.63 23.73 18.40
CA GLY B 137 -12.77 24.75 19.43
C GLY B 137 -14.03 24.49 20.24
N ASP B 138 -14.56 25.51 20.88
CA ASP B 138 -15.76 25.35 21.69
C ASP B 138 -16.96 24.85 20.91
N TYR B 139 -17.65 23.83 21.42
CA TYR B 139 -18.85 23.32 20.74
C TYR B 139 -19.88 24.45 20.60
N ASN B 140 -20.60 24.48 19.49
CA ASN B 140 -21.61 25.51 19.27
C ASN B 140 -22.79 24.93 18.46
N LYS B 141 -23.90 24.63 19.15
CA LYS B 141 -25.07 24.05 18.51
C LYS B 141 -25.40 24.72 17.17
N GLU B 142 -24.99 25.97 17.02
CA GLU B 142 -25.24 26.72 15.78
C GLU B 142 -24.20 26.40 14.71
N ILE B 143 -22.95 26.19 15.12
CA ILE B 143 -21.89 25.87 14.17
C ILE B 143 -21.80 24.37 13.90
N HIS B 144 -21.79 23.58 14.97
CA HIS B 144 -21.69 22.14 14.84
C HIS B 144 -23.05 21.48 14.90
N LYS B 145 -23.70 21.40 13.75
CA LYS B 145 -25.00 20.77 13.65
C LYS B 145 -24.76 19.28 13.46
N PRO B 146 -25.77 18.45 13.81
CA PRO B 146 -25.68 16.99 13.67
C PRO B 146 -24.85 16.54 12.47
N GLY B 147 -23.93 15.63 12.74
CA GLY B 147 -23.09 15.12 11.68
C GLY B 147 -21.87 15.96 11.43
N TYR B 148 -21.58 16.91 12.32
CA TYR B 148 -20.41 17.76 12.13
C TYR B 148 -19.10 16.97 12.22
N LEU B 149 -19.15 15.81 12.86
CA LEU B 149 -17.98 14.95 12.98
C LEU B 149 -18.14 13.73 12.10
N ALA B 150 -18.74 13.90 10.93
CA ALA B 150 -18.96 12.78 10.02
C ALA B 150 -17.69 12.32 9.33
N ASN B 151 -17.18 13.12 8.42
CA ASN B 151 -15.96 12.76 7.70
C ASN B 151 -14.71 12.94 8.55
N ASP B 152 -14.84 12.63 9.84
CA ASP B 152 -13.73 12.77 10.76
C ASP B 152 -13.22 11.50 11.39
N ARG B 153 -11.94 11.22 11.18
CA ARG B 153 -11.28 10.04 11.73
C ARG B 153 -11.23 10.23 13.24
N LEU B 154 -12.14 9.57 13.97
CA LEU B 154 -12.23 9.74 15.41
C LEU B 154 -11.89 8.57 16.33
N LEU B 155 -12.24 7.35 15.92
CA LEU B 155 -11.98 6.18 16.75
C LEU B 155 -11.01 5.16 16.20
N PRO B 156 -10.34 4.41 17.10
CA PRO B 156 -9.38 3.38 16.70
C PRO B 156 -10.22 2.28 16.10
N GLN B 157 -10.03 2.00 14.82
CA GLN B 157 -10.79 0.96 14.14
C GLN B 157 -11.17 -0.25 15.01
N ARG B 158 -10.24 -0.75 15.82
CA ARG B 158 -10.52 -1.90 16.68
C ARG B 158 -11.71 -1.64 17.58
N VAL B 159 -12.01 -0.37 17.81
CA VAL B 159 -13.14 0.03 18.65
C VAL B 159 -14.43 -0.04 17.85
N LEU B 160 -14.40 0.47 16.63
CA LEU B 160 -15.60 0.43 15.80
C LEU B 160 -15.92 -1.06 15.56
N GLU B 161 -14.97 -1.80 15.00
CA GLU B 161 -15.15 -3.22 14.72
C GLU B 161 -15.72 -4.07 15.86
N GLN B 162 -15.44 -3.69 17.10
CA GLN B 162 -15.90 -4.46 18.23
C GLN B 162 -17.12 -3.94 18.96
N HIS B 163 -17.92 -3.11 18.28
CA HIS B 163 -19.13 -2.57 18.89
C HIS B 163 -20.27 -2.43 17.87
N LYS B 164 -21.48 -2.21 18.35
CA LYS B 164 -22.64 -2.08 17.47
C LYS B 164 -23.11 -0.65 17.23
N LEU B 165 -22.30 0.34 17.64
CA LEU B 165 -22.66 1.73 17.46
C LEU B 165 -22.41 2.23 16.03
N THR B 166 -23.31 3.08 15.55
CA THR B 166 -23.22 3.64 14.20
C THR B 166 -22.40 4.90 14.35
N LYS B 167 -22.15 5.61 13.24
CA LYS B 167 -21.39 6.85 13.34
C LYS B 167 -22.11 7.76 14.28
N GLU B 168 -23.40 7.99 13.98
CA GLU B 168 -24.24 8.87 14.76
C GLU B 168 -24.14 8.56 16.24
N GLN B 169 -24.28 7.30 16.58
CA GLN B 169 -24.20 6.90 17.97
C GLN B 169 -22.87 7.31 18.60
N TRP B 170 -21.77 7.10 17.89
CA TRP B 170 -20.46 7.48 18.42
C TRP B 170 -20.36 8.99 18.52
N GLU B 171 -20.88 9.70 17.52
CA GLU B 171 -20.80 11.15 17.54
C GLU B 171 -21.48 11.72 18.77
N GLU B 172 -22.69 11.23 19.07
CA GLU B 172 -23.41 11.73 20.22
C GLU B 172 -22.51 11.65 21.45
N ARG B 173 -21.96 10.47 21.68
CA ARG B 173 -21.10 10.23 22.83
C ARG B 173 -19.88 11.16 22.90
N ILE B 174 -19.25 11.39 21.76
CA ILE B 174 -18.10 12.28 21.74
C ILE B 174 -18.56 13.72 21.86
N GLN B 175 -19.60 14.06 21.13
CA GLN B 175 -20.16 15.42 21.13
C GLN B 175 -20.40 15.86 22.57
N ASN B 176 -20.95 14.94 23.33
CA ASN B 176 -21.26 15.14 24.74
C ASN B 176 -20.02 15.58 25.52
N TRP B 177 -18.91 14.89 25.30
CA TRP B 177 -17.68 15.25 25.97
C TRP B 177 -17.13 16.52 25.36
N HIS B 178 -17.31 16.68 24.05
CA HIS B 178 -16.83 17.88 23.37
C HIS B 178 -17.42 19.11 24.08
N GLU B 179 -18.71 19.05 24.42
CA GLU B 179 -19.38 20.17 25.10
C GLU B 179 -18.78 20.41 26.48
N GLU B 180 -18.28 19.34 27.08
CA GLU B 180 -17.67 19.40 28.40
C GLU B 180 -16.43 20.30 28.44
N HIS B 181 -15.60 20.25 27.39
CA HIS B 181 -14.39 21.05 27.35
C HIS B 181 -14.62 22.47 26.85
N ARG B 182 -15.76 23.05 27.16
CA ARG B 182 -16.03 24.41 26.73
C ARG B 182 -15.05 25.36 27.37
N GLY B 183 -14.48 26.23 26.55
CA GLY B 183 -13.54 27.21 27.05
C GLY B 183 -12.10 26.75 27.01
N MET B 184 -11.85 25.48 26.73
CA MET B 184 -10.49 24.97 26.70
C MET B 184 -9.74 25.39 25.43
N LEU B 185 -8.45 25.67 25.58
CA LEU B 185 -7.63 26.13 24.47
C LEU B 185 -6.99 24.98 23.73
N ARG B 186 -6.77 25.19 22.41
CA ARG B 186 -6.15 24.20 21.53
C ARG B 186 -4.91 23.59 22.17
N GLU B 187 -3.96 24.46 22.50
CA GLU B 187 -2.71 24.02 23.11
C GLU B 187 -2.94 23.19 24.37
N ASP B 188 -3.94 23.54 25.17
CA ASP B 188 -4.20 22.78 26.39
C ASP B 188 -4.96 21.50 26.12
N SER B 189 -5.86 21.53 25.15
CA SER B 189 -6.62 20.35 24.81
C SER B 189 -5.72 19.27 24.24
N MET B 190 -4.60 19.66 23.65
CA MET B 190 -3.69 18.67 23.11
C MET B 190 -2.89 18.08 24.24
N MET B 191 -2.55 18.89 25.22
CA MET B 191 -1.81 18.35 26.35
C MET B 191 -2.74 17.46 27.16
N GLU B 192 -4.02 17.84 27.19
CA GLU B 192 -5.02 17.08 27.92
C GLU B 192 -5.10 15.69 27.31
N TYR B 193 -4.96 15.65 25.99
CA TYR B 193 -5.01 14.42 25.22
C TYR B 193 -3.78 13.56 25.56
N LEU B 194 -2.62 14.20 25.53
CA LEU B 194 -1.35 13.54 25.81
C LEU B 194 -1.22 13.01 27.23
N LYS B 195 -1.73 13.73 28.22
CA LYS B 195 -1.62 13.23 29.58
C LYS B 195 -2.43 11.95 29.65
N ILE B 196 -3.50 11.89 28.87
CA ILE B 196 -4.33 10.72 28.86
C ILE B 196 -3.72 9.58 28.06
N ALA B 197 -3.09 9.92 26.93
CA ALA B 197 -2.48 8.91 26.08
C ALA B 197 -1.25 8.23 26.66
N GLN B 198 -0.37 9.05 27.24
CA GLN B 198 0.88 8.57 27.82
C GLN B 198 0.75 7.52 28.94
N ASP B 199 -0.45 7.35 29.50
CA ASP B 199 -0.62 6.36 30.56
C ASP B 199 -1.13 5.02 30.06
N LEU B 200 -1.23 4.90 28.73
CA LEU B 200 -1.64 3.67 28.07
C LEU B 200 -0.43 2.71 28.12
N GLU B 201 -0.65 1.40 28.21
CA GLU B 201 0.49 0.47 28.30
C GLU B 201 1.42 0.41 27.09
N MET B 202 0.89 0.46 25.89
CA MET B 202 1.76 0.38 24.73
C MET B 202 2.34 1.70 24.28
N TYR B 203 2.18 2.71 25.14
CA TYR B 203 2.67 4.05 24.85
C TYR B 203 4.20 4.14 24.96
N GLY B 204 4.82 4.68 23.91
CA GLY B 204 6.26 4.86 23.92
C GLY B 204 7.06 3.57 24.01
N VAL B 205 6.46 2.48 23.55
CA VAL B 205 7.09 1.16 23.56
C VAL B 205 7.30 0.64 22.15
N ASN B 206 8.56 0.44 21.78
CA ASN B 206 8.91 -0.09 20.46
C ASN B 206 8.92 -1.60 20.66
N TYR B 207 8.07 -2.33 19.93
CA TYR B 207 8.02 -3.79 20.07
C TYR B 207 8.78 -4.56 19.00
N PHE B 208 9.29 -5.73 19.37
CA PHE B 208 10.02 -6.58 18.43
C PHE B 208 9.67 -8.04 18.63
N GLU B 209 9.32 -8.73 17.55
CA GLU B 209 8.97 -10.14 17.68
C GLU B 209 10.24 -10.97 17.82
N ILE B 210 10.33 -11.68 18.95
CA ILE B 210 11.50 -12.48 19.24
C ILE B 210 11.12 -13.85 19.83
N LYS B 211 12.06 -14.79 19.76
CA LYS B 211 11.90 -16.15 20.29
C LYS B 211 12.88 -16.34 21.47
N ASN B 212 12.59 -17.30 22.34
CA ASN B 212 13.47 -17.57 23.49
C ASN B 212 14.35 -18.79 23.20
N LYS B 213 15.15 -19.18 24.19
CA LYS B 213 16.03 -20.33 24.05
C LYS B 213 15.28 -21.52 23.48
N LYS B 214 14.18 -21.88 24.14
CA LYS B 214 13.34 -22.99 23.69
C LYS B 214 12.92 -22.79 22.24
N GLY B 215 12.19 -21.72 21.99
CA GLY B 215 11.71 -21.42 20.65
C GLY B 215 10.37 -20.77 20.81
N THR B 216 10.05 -20.44 22.06
CA THR B 216 8.81 -19.80 22.42
C THR B 216 8.81 -18.37 21.90
N GLU B 217 7.68 -17.96 21.32
CA GLU B 217 7.54 -16.62 20.76
C GLU B 217 7.25 -15.63 21.89
N LEU B 218 7.84 -14.44 21.79
CA LEU B 218 7.67 -13.42 22.80
C LEU B 218 7.83 -12.03 22.19
N TRP B 219 7.65 -11.01 23.03
CA TRP B 219 7.81 -9.64 22.58
C TRP B 219 8.86 -8.93 23.42
N LEU B 220 9.71 -8.16 22.73
CA LEU B 220 10.73 -7.36 23.40
C LEU B 220 10.22 -5.94 23.26
N GLY B 221 10.27 -5.20 24.36
CA GLY B 221 9.80 -3.83 24.33
C GLY B 221 10.82 -2.88 24.87
N VAL B 222 11.36 -2.04 24.00
CA VAL B 222 12.32 -1.04 24.42
C VAL B 222 11.49 0.22 24.63
N ASP B 223 11.75 0.91 25.73
CA ASP B 223 11.02 2.12 26.05
C ASP B 223 11.82 3.01 27.01
N ALA B 224 11.39 4.25 27.14
CA ALA B 224 12.05 5.22 28.00
C ALA B 224 12.65 4.76 29.32
N LEU B 225 12.07 3.74 29.97
CA LEU B 225 12.60 3.30 31.27
C LEU B 225 13.46 2.04 31.25
N GLY B 226 13.46 1.32 30.13
CA GLY B 226 14.25 0.10 30.04
C GLY B 226 13.67 -0.92 29.08
N LEU B 227 13.93 -2.20 29.38
CA LEU B 227 13.46 -3.31 28.58
C LEU B 227 12.34 -4.11 29.28
N ASN B 228 11.58 -4.85 28.48
CA ASN B 228 10.47 -5.67 29.00
C ASN B 228 10.24 -6.84 28.05
N ILE B 229 9.93 -8.01 28.61
CA ILE B 229 9.66 -9.19 27.82
C ILE B 229 8.18 -9.53 28.00
N TYR B 230 7.43 -9.57 26.89
CA TYR B 230 6.00 -9.88 26.95
C TYR B 230 5.73 -11.19 26.24
N GLU B 231 4.83 -11.99 26.80
CA GLU B 231 4.47 -13.24 26.16
C GLU B 231 3.63 -12.86 24.96
N HIS B 232 3.61 -13.70 23.93
CA HIS B 232 2.90 -13.38 22.71
C HIS B 232 1.55 -12.67 22.86
N ASP B 233 0.57 -13.38 23.41
CA ASP B 233 -0.77 -12.84 23.57
C ASP B 233 -0.89 -11.46 24.22
N ASP B 234 -0.22 -11.26 25.34
CA ASP B 234 -0.30 -9.98 26.04
C ASP B 234 0.86 -9.02 25.82
N LYS B 235 0.59 -7.96 25.06
CA LYS B 235 1.59 -6.93 24.79
C LYS B 235 1.51 -5.82 25.81
N LEU B 236 0.47 -5.83 26.63
CA LEU B 236 0.27 -4.81 27.65
C LEU B 236 1.19 -4.96 28.85
N THR B 237 0.86 -5.88 29.76
CA THR B 237 1.68 -6.11 30.94
C THR B 237 2.80 -7.10 30.67
N PRO B 238 4.06 -6.69 30.93
CA PRO B 238 5.28 -7.48 30.74
C PRO B 238 5.41 -8.59 31.77
N LYS B 239 5.98 -9.73 31.36
CA LYS B 239 6.14 -10.84 32.29
C LYS B 239 7.43 -10.68 33.06
N ILE B 240 8.29 -9.81 32.54
CA ILE B 240 9.55 -9.53 33.20
C ILE B 240 10.12 -8.22 32.68
N GLY B 241 10.54 -7.38 33.63
CA GLY B 241 11.09 -6.09 33.28
C GLY B 241 12.56 -5.96 33.58
N PHE B 242 13.17 -4.94 32.97
CA PHE B 242 14.58 -4.67 33.13
C PHE B 242 14.83 -3.17 33.19
N PRO B 243 14.64 -2.56 34.38
CA PRO B 243 14.87 -1.13 34.50
C PRO B 243 16.33 -0.84 34.21
N TRP B 244 16.59 0.29 33.55
CA TRP B 244 17.96 0.68 33.23
C TRP B 244 18.83 0.47 34.47
N SER B 245 18.35 0.99 35.59
CA SER B 245 19.06 0.89 36.87
C SER B 245 19.45 -0.53 37.24
N GLU B 246 18.83 -1.51 36.58
CA GLU B 246 19.11 -2.92 36.86
C GLU B 246 19.99 -3.64 35.88
N ILE B 247 20.33 -2.96 34.78
CA ILE B 247 21.17 -3.58 33.76
C ILE B 247 22.59 -3.02 33.80
N ARG B 248 23.58 -3.89 33.67
CA ARG B 248 24.97 -3.43 33.65
C ARG B 248 25.43 -3.32 32.21
N ASN B 249 24.84 -4.14 31.34
CA ASN B 249 25.14 -4.08 29.91
C ASN B 249 24.23 -5.01 29.11
N ILE B 250 24.10 -4.70 27.83
CA ILE B 250 23.30 -5.51 26.93
C ILE B 250 24.20 -5.81 25.75
N SER B 251 23.88 -6.86 24.99
CA SER B 251 24.69 -7.22 23.83
C SER B 251 24.06 -8.33 22.97
N PHE B 252 24.63 -8.56 21.80
CA PHE B 252 24.13 -9.59 20.90
C PHE B 252 25.21 -10.04 19.92
N ASN B 253 25.03 -11.22 19.34
CA ASN B 253 25.95 -11.67 18.32
C ASN B 253 25.04 -11.73 17.12
N ASP B 254 25.10 -12.78 16.31
CA ASP B 254 24.22 -12.78 15.14
C ASP B 254 22.76 -12.48 15.55
N LYS B 255 22.13 -13.42 16.24
CA LYS B 255 20.75 -13.25 16.64
C LYS B 255 20.60 -13.32 18.14
N LYS B 256 21.58 -13.94 18.79
CA LYS B 256 21.55 -14.09 20.24
C LYS B 256 21.82 -12.75 20.92
N PHE B 257 20.81 -12.28 21.64
CA PHE B 257 20.89 -11.02 22.35
C PHE B 257 20.90 -11.32 23.84
N VAL B 258 21.73 -10.62 24.59
CA VAL B 258 21.81 -10.89 26.01
C VAL B 258 21.86 -9.66 26.90
N ILE B 259 21.05 -9.70 27.96
CA ILE B 259 20.96 -8.61 28.94
C ILE B 259 21.57 -9.18 30.19
N LYS B 260 22.52 -8.46 30.80
CA LYS B 260 23.18 -8.92 32.01
C LYS B 260 22.80 -8.11 33.23
N PRO B 261 22.31 -8.78 34.29
CA PRO B 261 21.90 -8.16 35.56
C PRO B 261 23.04 -7.41 36.20
N ILE B 262 22.73 -6.32 36.88
CA ILE B 262 23.77 -5.55 37.53
C ILE B 262 24.12 -6.33 38.79
N ASP B 263 23.13 -7.07 39.29
CA ASP B 263 23.24 -7.91 40.48
C ASP B 263 23.65 -9.31 40.02
N LYS B 264 24.81 -9.77 40.47
CA LYS B 264 25.31 -11.08 40.09
C LYS B 264 24.47 -12.22 40.63
N LYS B 265 23.51 -11.91 41.50
CA LYS B 265 22.64 -12.92 42.09
C LYS B 265 21.52 -13.30 41.13
N ALA B 266 21.21 -12.38 40.22
CA ALA B 266 20.17 -12.60 39.23
C ALA B 266 20.76 -13.17 37.94
N PRO B 267 19.94 -13.91 37.17
CA PRO B 267 20.35 -14.54 35.91
C PRO B 267 20.34 -13.61 34.70
N ASP B 268 21.15 -13.97 33.70
CA ASP B 268 21.26 -13.21 32.46
C ASP B 268 20.15 -13.62 31.50
N PHE B 269 19.24 -12.70 31.19
CA PHE B 269 18.16 -13.04 30.28
C PHE B 269 18.69 -13.11 28.86
N VAL B 270 18.38 -14.20 28.18
CA VAL B 270 18.82 -14.39 26.81
C VAL B 270 17.63 -14.60 25.88
N PHE B 271 17.77 -14.17 24.63
CA PHE B 271 16.71 -14.34 23.64
C PHE B 271 17.33 -14.19 22.26
N TYR B 272 16.54 -14.50 21.22
CA TYR B 272 17.02 -14.44 19.85
C TYR B 272 16.12 -13.61 18.94
N ALA B 273 16.73 -12.85 18.02
CA ALA B 273 15.95 -12.02 17.09
C ALA B 273 15.97 -12.65 15.70
N PRO B 274 14.94 -12.36 14.89
CA PRO B 274 14.78 -12.86 13.52
C PRO B 274 16.00 -12.58 12.65
N ARG B 275 16.23 -11.29 12.36
CA ARG B 275 17.37 -10.88 11.57
C ARG B 275 18.30 -9.94 12.33
N LEU B 276 19.55 -9.94 11.90
CA LEU B 276 20.59 -9.13 12.50
C LEU B 276 20.28 -7.65 12.48
N ARG B 277 19.53 -7.17 11.49
CA ARG B 277 19.24 -5.74 11.45
C ARG B 277 18.22 -5.33 12.51
N ILE B 278 17.55 -6.32 13.10
CA ILE B 278 16.61 -6.06 14.17
C ILE B 278 17.45 -5.87 15.43
N ASN B 279 18.45 -6.73 15.62
CA ASN B 279 19.32 -6.62 16.80
C ASN B 279 20.07 -5.31 16.82
N LYS B 280 20.46 -4.83 15.64
CA LYS B 280 21.17 -3.56 15.52
C LYS B 280 20.14 -2.53 15.91
N ARG B 281 18.94 -2.70 15.36
CA ARG B 281 17.79 -1.84 15.60
C ARG B 281 17.56 -1.73 17.10
N ILE B 282 17.39 -2.86 17.77
CA ILE B 282 17.16 -2.88 19.21
C ILE B 282 18.25 -2.16 20.01
N LEU B 283 19.51 -2.42 19.70
CA LEU B 283 20.59 -1.79 20.44
C LEU B 283 20.58 -0.27 20.26
N ALA B 284 20.22 0.21 19.08
CA ALA B 284 20.18 1.66 18.84
C ALA B 284 19.15 2.33 19.75
N LEU B 285 17.92 1.81 19.77
CA LEU B 285 16.88 2.39 20.60
C LEU B 285 17.27 2.34 22.07
N CYS B 286 17.93 1.26 22.48
CA CYS B 286 18.36 1.15 23.86
C CYS B 286 19.34 2.26 24.20
N MET B 287 20.40 2.40 23.39
CA MET B 287 21.41 3.43 23.63
C MET B 287 20.78 4.81 23.67
N GLY B 288 19.87 5.08 22.75
CA GLY B 288 19.19 6.36 22.71
C GLY B 288 18.25 6.56 23.89
N ASN B 289 17.42 5.57 24.20
CA ASN B 289 16.52 5.74 25.31
C ASN B 289 17.26 5.88 26.62
N HIS B 290 18.26 5.02 26.82
CA HIS B 290 19.06 5.06 28.05
C HIS B 290 19.79 6.38 28.17
N GLU B 291 20.13 6.96 27.03
CA GLU B 291 20.85 8.22 26.98
C GLU B 291 19.98 9.38 27.47
N LEU B 292 18.72 9.41 27.07
CA LEU B 292 17.82 10.47 27.52
C LEU B 292 17.41 10.22 28.97
N TYR B 293 17.44 8.96 29.39
CA TYR B 293 17.08 8.62 30.75
C TYR B 293 18.05 9.36 31.71
N MET B 294 19.33 9.29 31.39
CA MET B 294 20.35 9.94 32.19
C MET B 294 20.24 11.44 32.08
N ARG B 295 20.17 11.92 30.84
CA ARG B 295 20.06 13.34 30.55
C ARG B 295 18.94 13.94 31.40
N ARG B 296 17.82 13.24 31.49
CA ARG B 296 16.69 13.75 32.27
C ARG B 296 16.98 13.91 33.75
N ARG B 297 17.92 13.13 34.27
CA ARG B 297 18.22 13.20 35.68
C ARG B 297 19.33 14.18 36.04
N LYS B 298 19.93 14.79 35.02
CA LYS B 298 20.97 15.79 35.24
C LYS B 298 20.25 17.13 35.30
N PRO B 299 20.74 18.05 36.14
CA PRO B 299 20.06 19.35 36.22
C PRO B 299 19.90 19.91 34.81
N ASP B 300 18.84 20.70 34.59
CA ASP B 300 18.60 21.28 33.27
C ASP B 300 19.79 22.11 32.82
N THR B 301 19.93 22.27 31.51
CA THR B 301 21.02 23.05 30.95
C THR B 301 20.62 24.53 31.00
N ILE B 302 21.54 25.41 30.67
CA ILE B 302 21.25 26.84 30.66
C ILE B 302 20.23 27.07 29.55
N GLU B 303 20.46 26.38 28.43
CA GLU B 303 19.62 26.47 27.25
C GLU B 303 18.18 25.98 27.41
N VAL B 304 17.96 24.97 28.26
CA VAL B 304 16.62 24.44 28.49
C VAL B 304 15.83 25.32 29.47
N GLN B 305 16.57 26.05 30.32
CA GLN B 305 15.97 26.94 31.31
C GLN B 305 15.33 28.17 30.65
N GLN B 306 16.01 28.71 29.65
CA GLN B 306 15.52 29.87 28.92
C GLN B 306 14.21 29.56 28.20
N MET B 307 13.91 28.28 28.08
CA MET B 307 12.70 27.84 27.40
C MET B 307 11.48 27.88 28.31
N LYS B 308 11.57 27.21 29.46
CA LYS B 308 10.47 27.18 30.41
C LYS B 308 10.13 28.61 30.83
N ALA B 309 10.95 29.55 30.35
CA ALA B 309 10.76 30.96 30.63
C ALA B 309 9.48 31.42 29.95
N GLN B 310 9.54 31.59 28.64
CA GLN B 310 8.38 32.02 27.85
C GLN B 310 7.21 31.06 28.01
N ALA B 311 7.49 29.86 28.52
CA ALA B 311 6.45 28.86 28.72
C ALA B 311 5.49 29.26 29.83
N ARG B 312 5.92 30.20 30.67
CA ARG B 312 5.12 30.67 31.78
C ARG B 312 4.57 32.07 31.49
N VAL B 313 5.08 32.68 30.42
CA VAL B 313 4.65 34.01 29.99
C VAL B 313 3.55 33.88 28.93
N ASP B 314 3.80 33.00 27.96
CA ASP B 314 2.90 32.72 26.86
C ASP B 314 1.55 32.15 27.32
N SER B 315 1.50 31.73 28.58
CA SER B 315 0.28 31.18 29.16
C SER B 315 -0.35 32.22 30.08
N ARG C 1 13.73 -22.39 -29.83
CA ARG C 1 14.61 -23.10 -30.81
C ARG C 1 13.98 -24.39 -31.33
N LEU C 2 14.81 -25.43 -31.49
CA LEU C 2 14.37 -26.75 -31.96
C LEU C 2 14.55 -27.73 -30.80
N SER C 3 14.89 -27.19 -29.63
CA SER C 3 15.10 -27.98 -28.42
C SER C 3 14.41 -27.35 -27.20
N ARG C 4 14.60 -27.96 -26.04
CA ARG C 4 13.98 -27.50 -24.80
C ARG C 4 15.01 -27.21 -23.70
N LYS C 5 14.77 -26.13 -22.96
CA LYS C 5 15.66 -25.73 -21.88
C LYS C 5 14.82 -25.38 -20.65
N THR C 6 15.49 -24.94 -19.59
CA THR C 6 14.79 -24.58 -18.36
C THR C 6 14.69 -23.07 -18.12
N HIS C 7 13.47 -22.61 -17.86
CA HIS C 7 13.17 -21.21 -17.59
C HIS C 7 12.74 -21.18 -16.14
N MET C 8 13.20 -20.18 -15.40
CA MET C 8 12.85 -20.11 -14.00
C MET C 8 12.77 -18.67 -13.54
N TYR C 9 11.76 -18.37 -12.72
CA TYR C 9 11.57 -17.05 -12.19
C TYR C 9 11.41 -17.17 -10.70
N PRO C 10 12.27 -16.48 -9.93
CA PRO C 10 12.26 -16.47 -8.45
C PRO C 10 11.20 -15.52 -7.90
N VAL C 11 10.18 -16.07 -7.25
CA VAL C 11 9.13 -15.22 -6.70
C VAL C 11 9.61 -14.63 -5.40
N ARG C 12 10.80 -15.09 -5.00
CA ARG C 12 11.49 -14.66 -3.80
C ARG C 12 12.92 -14.40 -4.27
N ASN C 13 13.35 -13.16 -4.21
CA ASN C 13 14.70 -12.80 -4.64
C ASN C 13 15.76 -13.35 -3.70
N TYR C 14 17.02 -13.16 -4.06
CA TYR C 14 18.13 -13.65 -3.24
C TYR C 14 18.57 -12.58 -2.26
N SER C 15 17.61 -11.76 -1.80
CA SER C 15 17.91 -10.69 -0.85
C SER C 15 19.06 -9.81 -1.35
N PRO C 16 18.91 -9.20 -2.54
CA PRO C 16 19.91 -8.32 -3.15
C PRO C 16 20.18 -7.03 -2.37
N ARG D 1 29.39 -7.03 5.06
CA ARG D 1 30.24 -8.07 5.74
C ARG D 1 29.48 -9.33 6.14
N LEU D 2 29.87 -10.48 5.59
CA LEU D 2 29.21 -11.72 5.93
C LEU D 2 29.32 -12.02 7.42
N SER D 3 30.55 -12.14 7.90
CA SER D 3 30.85 -12.42 9.30
C SER D 3 29.90 -11.82 10.33
N ARG D 4 29.91 -12.41 11.52
CA ARG D 4 29.11 -11.92 12.62
C ARG D 4 29.99 -11.63 13.83
N LYS D 5 30.06 -10.35 14.18
CA LYS D 5 30.85 -9.87 15.28
C LYS D 5 29.94 -9.59 16.48
N THR D 6 30.52 -9.60 17.67
CA THR D 6 29.76 -9.37 18.90
C THR D 6 29.68 -7.87 19.27
N HIS D 7 28.47 -7.33 19.35
CA HIS D 7 28.24 -5.91 19.70
C HIS D 7 27.87 -5.82 21.18
N MET D 8 28.27 -4.74 21.86
CA MET D 8 27.96 -4.62 23.28
C MET D 8 27.85 -3.19 23.78
N TYR D 9 26.81 -2.94 24.56
CA TYR D 9 26.59 -1.61 25.13
C TYR D 9 26.48 -1.74 26.64
N PRO D 10 27.32 -1.01 27.36
CA PRO D 10 27.36 -1.03 28.82
C PRO D 10 26.35 -0.06 29.42
N VAL D 11 25.26 -0.57 29.97
CA VAL D 11 24.26 0.31 30.57
C VAL D 11 24.91 0.98 31.77
N ARG D 12 25.70 0.21 32.51
CA ARG D 12 26.44 0.75 33.65
C ARG D 12 27.77 1.15 33.03
N ASN D 13 28.23 2.38 33.26
CA ASN D 13 29.51 2.77 32.68
C ASN D 13 30.70 2.34 33.55
N TYR D 14 31.92 2.64 33.11
CA TYR D 14 33.10 2.23 33.85
C TYR D 14 33.67 3.34 34.73
N SER D 15 32.77 4.15 35.27
CA SER D 15 33.14 5.28 36.13
C SER D 15 34.09 6.23 35.42
N PRO D 16 33.60 6.90 34.35
CA PRO D 16 34.41 7.86 33.58
C PRO D 16 34.83 9.06 34.40
N THR D 17 36.13 9.32 34.43
CA THR D 17 36.67 10.44 35.20
C THR D 17 36.36 11.78 34.53
N LYS E 5 7.49 7.48 -38.89
CA LYS E 5 7.28 8.95 -38.87
C LYS E 5 6.47 9.39 -37.64
N THR E 6 5.15 9.55 -37.81
CA THR E 6 4.30 9.95 -36.70
C THR E 6 2.81 9.69 -36.83
N HIS E 7 2.08 10.05 -35.78
CA HIS E 7 0.61 9.90 -35.64
C HIS E 7 -0.17 10.63 -36.73
N MET E 8 -0.88 9.88 -37.56
CA MET E 8 -1.63 10.47 -38.66
C MET E 8 -3.15 10.30 -38.69
N TYR E 9 -3.70 9.38 -37.89
CA TYR E 9 -5.14 9.19 -37.94
C TYR E 9 -5.83 8.46 -36.75
N PRO E 10 -6.50 9.22 -35.85
CA PRO E 10 -7.23 8.69 -34.67
C PRO E 10 -8.72 9.09 -34.67
N VAL E 11 -9.59 8.22 -34.16
CA VAL E 11 -11.03 8.49 -34.17
C VAL E 11 -11.84 8.21 -32.88
N ARG E 12 -11.74 9.07 -31.86
CA ARG E 12 -12.50 8.88 -30.62
C ARG E 12 -12.21 9.84 -29.45
N ASN E 13 -13.24 10.57 -29.04
CA ASN E 13 -13.19 11.53 -27.92
C ASN E 13 -14.02 11.04 -26.74
#